data_6MVP
#
_entry.id   6MVP
#
_cell.length_a   86.399
_cell.length_b   107.311
_cell.length_c   126.241
_cell.angle_alpha   90.000
_cell.angle_beta   90.000
_cell.angle_gamma   90.000
#
_symmetry.space_group_name_H-M   'P 21 21 21'
#
loop_
_entity.id
_entity.type
_entity.pdbx_description
1 polymer 'Genome polyprotein'
2 non-polymer '(4-{[5-cyclopropyl-2-(4-fluorophenyl)-3-(methylcarbamoyl)-1-benzofuran-6-yl](methylsulfonyl)amino}phenyl)boronic acid'
3 water water
#
_entity_poly.entity_id   1
_entity_poly.type   'polypeptide(L)'
_entity_poly.pdbx_seq_one_letter_code
;MASMSYTWTGALITPCAAEESKLPINALSNSLLRHHNMVYATTSRSAGQRQKKVTFDRLQVLDDHYRDVLKEMKAKASTV
KAKLLSVEEACKLTPPHSAKSKYGYGAKDVRNLSSRAVNHIHSVWKDLLEDTVTPIDTTIMAKNEVFCVQPEKGGRKPAR
LIVFPDLGVRVCEKMALYDVVSTLPQVVMGSSYGFQYSPGQRVEFLVNTWKSKKNPMGFSYDTRCFDSTVTENDIRVEES
IYQCCDLAPEARQAIKSLTERLYIGGPLTNSKGQNCGYRRCRASGVLTTSCGNTLTCYLKASAACRAAKLQDCTMLVNGD
DLVVICESAGVQEDAASLRVFTEAMTRYSAPPGDPPQPEYDLELITSCSSNVSVAHDASGKRVYYLTRDPTTPLARAAWE
TARHTPVNSWLGNIIMYAPTLWARMILMTHFFSILLAQEQLEKALDCQIYGACYSIEPLDLPQIIERLHGLSAFSLHSYS
PGEINRVASCLRKLGVPPLRVWRHRARSVRARLLSQGGRAATCGKYLFNWAVKTKLKLTPIPAASRLDLSGWFVAGYSGG
DIYHSLSRARPRLEHHHHHH
;
_entity_poly.pdbx_strand_id   A,B
#
loop_
_chem_comp.id
_chem_comp.type
_chem_comp.name
_chem_comp.formula
K4S non-polymer '(4-{[5-cyclopropyl-2-(4-fluorophenyl)-3-(methylcarbamoyl)-1-benzofuran-6-yl](methylsulfonyl)amino}phenyl)boronic acid' 'C26 H24 B F N2 O6 S'
#
# COMPACT_ATOMS: atom_id res chain seq x y z
N SER A 3 0.21 -11.97 -11.79
CA SER A 3 1.66 -12.19 -11.54
C SER A 3 1.90 -13.69 -11.27
N MET A 4 2.69 -14.31 -12.13
CA MET A 4 3.05 -15.72 -12.00
C MET A 4 4.18 -15.86 -10.96
N SER A 5 3.99 -16.79 -10.03
CA SER A 5 5.01 -17.07 -9.00
C SER A 5 6.38 -17.34 -9.63
N TYR A 6 6.39 -18.05 -10.75
CA TYR A 6 7.59 -18.39 -11.49
C TYR A 6 7.37 -18.41 -12.99
N THR A 7 8.42 -18.08 -13.74
CA THR A 7 8.54 -18.35 -15.17
C THR A 7 9.73 -19.28 -15.36
N TRP A 8 9.59 -20.25 -16.28
CA TRP A 8 10.62 -21.26 -16.51
C TRP A 8 11.14 -21.19 -17.95
N THR A 9 12.45 -21.41 -18.11
CA THR A 9 13.07 -21.49 -19.44
C THR A 9 13.02 -22.89 -20.02
N GLY A 10 12.91 -23.92 -19.17
CA GLY A 10 12.99 -25.30 -19.63
C GLY A 10 14.31 -25.98 -19.31
N ALA A 11 15.34 -25.21 -18.96
CA ALA A 11 16.56 -25.78 -18.38
C ALA A 11 16.23 -26.50 -17.08
N LEU A 12 16.88 -27.64 -16.85
CA LEU A 12 16.57 -28.50 -15.73
C LEU A 12 17.16 -27.98 -14.42
N ILE A 13 16.50 -28.31 -13.33
CA ILE A 13 17.05 -28.11 -12.01
C ILE A 13 17.97 -29.31 -11.76
N THR A 14 19.26 -29.03 -11.65
CA THR A 14 20.27 -30.07 -11.65
C THR A 14 20.84 -30.33 -10.25
N PRO A 15 21.31 -31.57 -10.00
CA PRO A 15 21.95 -31.85 -8.73
C PRO A 15 23.39 -31.30 -8.69
N CYS A 16 23.91 -31.05 -7.50
CA CYS A 16 25.32 -30.66 -7.35
C CYS A 16 26.18 -31.85 -6.97
N ALA A 17 25.56 -32.99 -6.66
CA ALA A 17 26.28 -34.20 -6.31
C ALA A 17 25.44 -35.43 -6.66
N ALA A 18 26.03 -36.61 -6.45
CA ALA A 18 25.30 -37.88 -6.61
C ALA A 18 24.12 -37.91 -5.66
N GLU A 19 22.98 -38.41 -6.13
CA GLU A 19 21.76 -38.47 -5.33
C GLU A 19 21.28 -39.90 -5.12
N GLU A 20 20.93 -40.23 -3.88
CA GLU A 20 20.39 -41.54 -3.52
C GLU A 20 18.91 -41.39 -3.22
N SER A 21 18.08 -42.18 -3.89
CA SER A 21 16.67 -42.29 -3.57
C SER A 21 16.38 -43.50 -2.66
N LYS A 22 17.19 -44.54 -2.77
CA LYS A 22 16.98 -45.80 -2.04
C LYS A 22 17.64 -45.79 -0.64
N LEU A 23 16.94 -46.31 0.36
CA LEU A 23 17.46 -46.39 1.73
C LEU A 23 18.79 -47.17 1.75
N PRO A 24 19.89 -46.53 2.17
CA PRO A 24 21.15 -47.26 2.36
C PRO A 24 21.02 -48.23 3.53
N ILE A 25 21.62 -49.40 3.39
CA ILE A 25 21.55 -50.43 4.41
C ILE A 25 22.93 -50.80 4.92
N ASN A 26 23.05 -50.93 6.24
CA ASN A 26 24.27 -51.45 6.85
C ASN A 26 23.93 -52.50 7.89
N ALA A 27 24.91 -52.90 8.69
CA ALA A 27 24.71 -53.95 9.70
C ALA A 27 23.77 -53.56 10.84
N LEU A 28 23.53 -52.26 11.02
CA LEU A 28 22.60 -51.75 12.04
C LEU A 28 21.15 -51.54 11.57
N SER A 29 20.92 -51.51 10.25
CA SER A 29 19.61 -51.13 9.70
C SER A 29 18.46 -51.97 10.21
N ASN A 30 18.59 -53.28 10.08
CA ASN A 30 17.52 -54.20 10.45
C ASN A 30 17.12 -54.18 11.92
N SER A 31 18.06 -53.80 12.79
CA SER A 31 17.76 -53.63 14.22
C SER A 31 16.74 -52.49 14.46
N LEU A 32 16.71 -51.50 13.59
CA LEU A 32 15.75 -50.41 13.69
C LEU A 32 14.50 -50.62 12.82
N LEU A 33 14.70 -50.99 11.55
CA LEU A 33 13.61 -50.93 10.56
C LEU A 33 13.81 -51.99 9.49
N ARG A 34 12.83 -52.87 9.33
CA ARG A 34 12.91 -54.00 8.39
C ARG A 34 12.31 -53.68 7.01
N HIS A 35 11.26 -52.88 6.96
CA HIS A 35 10.57 -52.59 5.69
C HIS A 35 11.26 -51.47 4.92
N HIS A 36 12.43 -51.79 4.38
CA HIS A 36 13.33 -50.82 3.73
C HIS A 36 12.73 -50.11 2.52
N ASN A 37 11.95 -50.85 1.73
CA ASN A 37 11.32 -50.30 0.52
C ASN A 37 10.28 -49.20 0.77
N MET A 38 9.83 -49.04 2.01
CA MET A 38 8.92 -47.98 2.38
C MET A 38 9.60 -46.63 2.55
N VAL A 39 10.92 -46.62 2.69
CA VAL A 39 11.67 -45.38 2.95
C VAL A 39 12.35 -44.93 1.67
N TYR A 40 12.27 -43.64 1.38
CA TYR A 40 12.89 -43.06 0.19
C TYR A 40 13.38 -41.65 0.45
N ALA A 41 14.27 -41.18 -0.42
CA ALA A 41 14.70 -39.78 -0.41
C ALA A 41 14.28 -39.11 -1.70
N THR A 42 13.81 -37.87 -1.60
CA THR A 42 13.49 -37.08 -2.79
C THR A 42 14.79 -36.68 -3.49
N THR A 43 14.71 -36.56 -4.81
CA THR A 43 15.84 -36.12 -5.64
C THR A 43 15.37 -35.11 -6.69
N SER A 44 16.35 -34.50 -7.35
CA SER A 44 16.08 -33.58 -8.47
C SER A 44 15.26 -34.20 -9.63
N ARG A 45 15.22 -35.54 -9.72
CA ARG A 45 14.35 -36.21 -10.71
C ARG A 45 12.88 -35.85 -10.63
N SER A 46 12.39 -35.48 -9.44
CA SER A 46 11.01 -35.03 -9.26
C SER A 46 10.83 -33.49 -9.30
N ALA A 47 11.91 -32.75 -9.62
CA ALA A 47 11.88 -31.28 -9.56
C ALA A 47 10.82 -30.72 -10.50
N GLY A 48 10.71 -31.30 -11.70
CA GLY A 48 9.69 -30.96 -12.68
C GLY A 48 8.27 -31.01 -12.16
N GLN A 49 7.99 -32.02 -11.34
CA GLN A 49 6.68 -32.18 -10.68
C GLN A 49 6.40 -31.03 -9.70
N ARG A 50 7.39 -30.69 -8.87
CA ARG A 50 7.26 -29.57 -7.95
C ARG A 50 7.09 -28.23 -8.66
N GLN A 51 7.84 -28.03 -9.75
CA GLN A 51 7.75 -26.80 -10.56
C GLN A 51 6.30 -26.53 -10.99
N LYS A 52 5.62 -27.58 -11.46
CA LYS A 52 4.21 -27.47 -11.84
C LYS A 52 3.35 -27.04 -10.67
N LYS A 53 3.56 -27.68 -9.51
CA LYS A 53 2.80 -27.35 -8.28
C LYS A 53 2.97 -25.92 -7.81
N VAL A 54 4.21 -25.43 -7.84
CA VAL A 54 4.53 -24.11 -7.26
C VAL A 54 4.31 -22.92 -8.22
N THR A 55 3.92 -23.20 -9.47
CA THR A 55 3.79 -22.19 -10.50
C THR A 55 2.33 -21.86 -10.76
N PHE A 56 1.91 -20.67 -10.33
CA PHE A 56 0.53 -20.22 -10.56
C PHE A 56 0.39 -18.70 -10.47
N ASP A 57 -0.73 -18.19 -10.98
CA ASP A 57 -1.04 -16.77 -10.93
C ASP A 57 -1.52 -16.40 -9.52
N ARG A 58 -1.11 -15.24 -9.02
CA ARG A 58 -1.59 -14.72 -7.74
C ARG A 58 -2.39 -13.46 -7.98
N LEU A 59 -3.61 -13.47 -7.47
CA LEU A 59 -4.47 -12.29 -7.45
C LEU A 59 -4.62 -11.89 -6.00
N GLN A 60 -4.63 -10.59 -5.76
CA GLN A 60 -4.72 -10.08 -4.43
C GLN A 60 -5.71 -8.93 -4.37
N VAL A 61 -6.66 -9.02 -3.42
CA VAL A 61 -7.65 -7.99 -3.17
C VAL A 61 -7.55 -7.58 -1.70
N LEU A 62 -7.16 -6.33 -1.46
CA LEU A 62 -6.83 -5.86 -0.13
C LEU A 62 -7.84 -4.83 0.36
N ASP A 63 -8.45 -5.13 1.51
CA ASP A 63 -9.53 -4.35 2.10
C ASP A 63 -9.07 -3.58 3.35
N ASP A 64 -10.02 -2.92 4.01
CA ASP A 64 -9.72 -2.06 5.15
C ASP A 64 -9.21 -2.87 6.36
N HIS A 65 -9.74 -4.07 6.57
CA HIS A 65 -9.22 -4.93 7.65
C HIS A 65 -7.73 -5.18 7.49
N TYR A 66 -7.31 -5.47 6.26
CA TYR A 66 -5.90 -5.67 5.96
C TYR A 66 -5.08 -4.43 6.31
N ARG A 67 -5.52 -3.27 5.83
CA ARG A 67 -4.79 -2.02 6.08
C ARG A 67 -4.80 -1.61 7.56
N ASP A 68 -5.92 -1.85 8.25
CA ASP A 68 -6.01 -1.58 9.71
C ASP A 68 -5.02 -2.42 10.52
N VAL A 69 -4.94 -3.73 10.24
CA VAL A 69 -3.99 -4.60 10.93
C VAL A 69 -2.55 -4.15 10.62
N LEU A 70 -2.26 -3.86 9.35
CA LEU A 70 -0.93 -3.41 8.96
C LEU A 70 -0.50 -2.17 9.71
N LYS A 71 -1.41 -1.20 9.84
CA LYS A 71 -1.11 0.03 10.55
C LYS A 71 -0.75 -0.24 12.03
N GLU A 72 -1.47 -1.16 12.66
CA GLU A 72 -1.20 -1.56 14.04
C GLU A 72 0.16 -2.26 14.18
N MET A 73 0.48 -3.11 13.21
CA MET A 73 1.78 -3.78 13.15
C MET A 73 2.90 -2.79 12.99
N LYS A 74 2.73 -1.80 12.12
CA LYS A 74 3.72 -0.76 11.92
C LYS A 74 3.94 0.09 13.16
N ALA A 75 2.88 0.35 13.92
CA ALA A 75 2.99 1.14 15.16
C ALA A 75 3.86 0.44 16.19
N LYS A 76 3.74 -0.88 16.27
CA LYS A 76 4.62 -1.68 17.14
C LYS A 76 6.05 -1.76 16.59
N ALA A 77 6.19 -1.95 15.28
CA ALA A 77 7.50 -1.97 14.63
C ALA A 77 8.28 -0.67 14.87
N SER A 78 7.56 0.44 14.91
CA SER A 78 8.17 1.74 15.17
C SER A 78 8.82 1.87 16.56
N THR A 79 8.55 0.96 17.49
CA THR A 79 9.22 0.95 18.79
C THR A 79 10.53 0.17 18.79
N VAL A 80 10.80 -0.57 17.72
CA VAL A 80 11.99 -1.42 17.66
C VAL A 80 13.21 -0.62 17.21
N LYS A 81 14.32 -0.80 17.94
CA LYS A 81 15.62 -0.31 17.54
C LYS A 81 16.51 -1.50 17.24
N ALA A 82 17.00 -1.57 16.01
CA ALA A 82 17.84 -2.66 15.57
C ALA A 82 19.22 -2.16 15.17
N LYS A 83 20.23 -2.99 15.37
CA LYS A 83 21.61 -2.62 15.09
C LYS A 83 22.13 -3.36 13.86
N LEU A 84 23.13 -2.75 13.24
CA LEU A 84 23.91 -3.41 12.20
C LEU A 84 24.85 -4.38 12.84
N LEU A 85 24.95 -5.58 12.31
CA LEU A 85 26.03 -6.48 12.68
C LEU A 85 27.31 -6.11 11.91
N SER A 86 28.43 -6.20 12.60
CA SER A 86 29.74 -6.10 11.95
C SER A 86 29.95 -7.32 11.05
N VAL A 87 30.90 -7.19 10.14
CA VAL A 87 31.29 -8.30 9.25
C VAL A 87 31.64 -9.51 10.11
N GLU A 88 32.44 -9.30 11.15
CA GLU A 88 32.92 -10.39 12.05
C GLU A 88 31.77 -11.09 12.76
N GLU A 89 30.83 -10.32 13.28
CA GLU A 89 29.64 -10.89 13.92
C GLU A 89 28.85 -11.74 12.95
N ALA A 90 28.62 -11.22 11.73
CA ALA A 90 27.88 -11.94 10.71
C ALA A 90 28.62 -13.20 10.28
N CYS A 91 29.93 -13.06 10.09
CA CYS A 91 30.78 -14.21 9.74
C CYS A 91 30.65 -15.37 10.72
N LYS A 92 30.66 -15.08 12.03
CA LYS A 92 30.48 -16.09 13.08
C LYS A 92 29.12 -16.78 13.12
N LEU A 93 28.11 -16.16 12.50
CA LEU A 93 26.78 -16.77 12.37
C LEU A 93 26.67 -17.72 11.17
N THR A 94 27.72 -17.79 10.34
CA THR A 94 27.71 -18.64 9.16
C THR A 94 28.04 -20.09 9.53
N PRO A 95 27.19 -21.06 9.11
CA PRO A 95 27.46 -22.48 9.36
C PRO A 95 28.76 -22.94 8.70
N PRO A 96 29.57 -23.77 9.40
CA PRO A 96 30.80 -24.34 8.82
C PRO A 96 30.62 -24.98 7.45
N HIS A 97 29.50 -25.68 7.23
CA HIS A 97 29.27 -26.37 5.96
C HIS A 97 28.31 -25.64 5.00
N SER A 98 28.14 -24.33 5.19
CA SER A 98 27.32 -23.51 4.33
C SER A 98 27.93 -23.48 2.93
N ALA A 99 27.08 -23.42 1.90
CA ALA A 99 27.54 -23.47 0.50
C ALA A 99 28.60 -22.41 0.20
N LYS A 100 29.71 -22.85 -0.40
CA LYS A 100 30.80 -21.93 -0.74
C LYS A 100 30.41 -20.87 -1.76
N SER A 101 31.16 -19.78 -1.79
CA SER A 101 30.92 -18.70 -2.75
C SER A 101 31.39 -19.12 -4.14
N LYS A 102 30.79 -18.52 -5.17
CA LYS A 102 31.26 -18.62 -6.53
C LYS A 102 32.56 -17.83 -6.73
N TYR A 103 32.89 -16.93 -5.79
CA TYR A 103 34.03 -16.02 -5.94
C TYR A 103 35.27 -16.43 -5.14
N GLY A 104 35.51 -17.73 -5.02
CA GLY A 104 36.80 -18.24 -4.57
C GLY A 104 37.02 -18.34 -3.08
N TYR A 105 35.96 -18.48 -2.30
CA TYR A 105 36.08 -18.77 -0.87
C TYR A 105 34.84 -19.52 -0.38
N GLY A 106 34.97 -20.09 0.81
CA GLY A 106 33.93 -20.90 1.42
C GLY A 106 33.58 -20.48 2.83
N ALA A 107 32.70 -21.25 3.45
CA ALA A 107 32.19 -20.93 4.79
C ALA A 107 33.28 -20.91 5.86
N LYS A 108 34.24 -21.84 5.77
CA LYS A 108 35.36 -21.87 6.73
C LYS A 108 36.23 -20.62 6.60
N ASP A 109 36.41 -20.14 5.37
CA ASP A 109 37.13 -18.89 5.13
C ASP A 109 36.41 -17.70 5.77
N VAL A 110 35.10 -17.64 5.56
CA VAL A 110 34.22 -16.66 6.21
C VAL A 110 34.39 -16.71 7.73
N ARG A 111 34.23 -17.90 8.30
CA ARG A 111 34.32 -18.07 9.76
C ARG A 111 35.70 -17.68 10.32
N ASN A 112 36.76 -17.88 9.54
CA ASN A 112 38.12 -17.48 9.94
C ASN A 112 38.49 -16.03 9.64
N LEU A 113 37.56 -15.26 9.06
CA LEU A 113 37.81 -13.87 8.69
C LEU A 113 38.99 -13.75 7.72
N SER A 114 39.10 -14.70 6.80
CA SER A 114 40.17 -14.66 5.79
C SER A 114 40.01 -13.39 4.97
N SER A 115 41.15 -12.79 4.60
CA SER A 115 41.13 -11.50 3.92
C SER A 115 40.39 -11.54 2.57
N ARG A 116 40.49 -12.65 1.84
CA ARG A 116 39.77 -12.79 0.56
C ARG A 116 38.24 -12.74 0.78
N ALA A 117 37.76 -13.52 1.74
CA ALA A 117 36.35 -13.57 2.12
C ALA A 117 35.83 -12.20 2.57
N VAL A 118 36.52 -11.62 3.56
CA VAL A 118 36.14 -10.34 4.15
C VAL A 118 36.15 -9.21 3.09
N ASN A 119 37.18 -9.20 2.24
CA ASN A 119 37.26 -8.23 1.13
C ASN A 119 36.08 -8.33 0.17
N HIS A 120 35.73 -9.55 -0.24
CA HIS A 120 34.56 -9.73 -1.10
C HIS A 120 33.26 -9.29 -0.43
N ILE A 121 33.09 -9.67 0.83
CA ILE A 121 31.91 -9.28 1.62
C ILE A 121 31.76 -7.75 1.69
N HIS A 122 32.87 -7.05 1.93
CA HIS A 122 32.89 -5.58 1.90
C HIS A 122 32.47 -5.05 0.52
N SER A 123 32.93 -5.68 -0.56
CA SER A 123 32.55 -5.28 -1.92
C SER A 123 31.05 -5.54 -2.23
N VAL A 124 30.52 -6.65 -1.74
CA VAL A 124 29.08 -6.94 -1.88
C VAL A 124 28.21 -5.89 -1.12
N TRP A 125 28.61 -5.59 0.12
CA TRP A 125 27.96 -4.56 0.95
C TRP A 125 27.95 -3.19 0.26
N LYS A 126 29.13 -2.74 -0.18
CA LYS A 126 29.26 -1.49 -0.90
C LYS A 126 28.33 -1.44 -2.12
N ASP A 127 28.30 -2.54 -2.87
CA ASP A 127 27.40 -2.65 -4.02
C ASP A 127 25.90 -2.54 -3.63
N LEU A 128 25.51 -3.15 -2.50
CA LEU A 128 24.12 -3.02 -2.02
C LEU A 128 23.79 -1.56 -1.71
N LEU A 129 24.73 -0.85 -1.10
CA LEU A 129 24.54 0.55 -0.77
C LEU A 129 24.41 1.41 -2.02
N GLU A 130 25.16 1.08 -3.05
CA GLU A 130 25.27 1.93 -4.25
C GLU A 130 24.27 1.59 -5.34
N ASP A 131 23.77 0.36 -5.35
CA ASP A 131 22.87 -0.14 -6.39
C ASP A 131 21.60 -0.73 -5.75
N THR A 132 20.44 -0.16 -6.07
CA THR A 132 19.13 -0.62 -5.55
C THR A 132 18.21 -1.21 -6.62
N VAL A 133 18.75 -1.55 -7.79
CA VAL A 133 17.94 -1.99 -8.95
C VAL A 133 18.31 -3.36 -9.52
N THR A 134 19.60 -3.69 -9.58
CA THR A 134 20.04 -4.87 -10.34
C THR A 134 19.67 -6.18 -9.63
N PRO A 135 18.85 -7.04 -10.28
CA PRO A 135 18.50 -8.30 -9.61
C PRO A 135 19.73 -9.12 -9.27
N ILE A 136 19.69 -9.71 -8.07
CA ILE A 136 20.77 -10.50 -7.55
C ILE A 136 20.53 -11.95 -7.93
N ASP A 137 21.59 -12.62 -8.39
CA ASP A 137 21.44 -13.99 -8.82
C ASP A 137 21.07 -14.90 -7.63
N THR A 138 20.34 -15.96 -7.93
CA THR A 138 20.08 -17.02 -6.97
C THR A 138 20.29 -18.38 -7.62
N THR A 139 20.64 -19.34 -6.79
CA THR A 139 20.71 -20.73 -7.18
C THR A 139 19.44 -21.45 -6.74
N ILE A 140 18.89 -22.26 -7.64
CA ILE A 140 17.75 -23.13 -7.32
C ILE A 140 18.19 -24.60 -7.32
N MET A 141 17.87 -25.31 -6.23
CA MET A 141 18.24 -26.73 -6.04
C MET A 141 17.04 -27.52 -5.54
N ALA A 142 17.08 -28.82 -5.84
CA ALA A 142 16.15 -29.77 -5.28
C ALA A 142 16.70 -30.27 -3.93
N LYS A 143 15.86 -30.23 -2.90
CA LYS A 143 16.22 -30.77 -1.58
C LYS A 143 16.18 -32.29 -1.59
N ASN A 144 17.15 -32.90 -0.92
CA ASN A 144 17.14 -34.33 -0.65
C ASN A 144 16.62 -34.56 0.76
N GLU A 145 15.36 -34.96 0.88
CA GLU A 145 14.73 -35.23 2.17
C GLU A 145 14.10 -36.62 2.20
N VAL A 146 14.16 -37.28 3.35
CA VAL A 146 13.68 -38.66 3.51
C VAL A 146 12.26 -38.72 4.07
N PHE A 147 11.46 -39.61 3.50
CA PHE A 147 10.08 -39.85 3.94
C PHE A 147 9.72 -41.32 3.85
N CYS A 148 8.57 -41.66 4.43
CA CYS A 148 7.93 -42.95 4.22
C CYS A 148 6.89 -42.82 3.08
N VAL A 149 6.75 -43.88 2.29
CA VAL A 149 5.71 -43.93 1.26
C VAL A 149 4.32 -43.91 1.90
N GLN A 150 3.34 -43.35 1.20
CA GLN A 150 1.94 -43.40 1.67
C GLN A 150 0.95 -43.64 0.53
N PRO A 151 0.22 -44.76 0.57
CA PRO A 151 -0.84 -45.03 -0.41
C PRO A 151 -2.08 -44.19 -0.13
N ARG A 156 4.76 -41.08 -3.66
CA ARG A 156 5.94 -40.31 -3.26
C ARG A 156 5.78 -38.80 -3.45
N LYS A 157 6.32 -38.04 -2.51
CA LYS A 157 6.30 -36.59 -2.55
C LYS A 157 7.43 -36.12 -3.49
N PRO A 158 7.15 -35.13 -4.35
CA PRO A 158 8.26 -34.58 -5.15
C PRO A 158 9.18 -33.71 -4.28
N ALA A 159 10.41 -33.50 -4.75
CA ALA A 159 11.39 -32.69 -4.02
C ALA A 159 10.88 -31.28 -3.77
N ARG A 160 11.17 -30.75 -2.59
CA ARG A 160 11.01 -29.33 -2.34
C ARG A 160 12.18 -28.58 -2.99
N LEU A 161 11.93 -27.34 -3.37
CA LEU A 161 12.94 -26.49 -4.01
C LEU A 161 13.48 -25.46 -3.02
N ILE A 162 14.78 -25.21 -3.07
CA ILE A 162 15.43 -24.21 -2.24
C ILE A 162 16.06 -23.19 -3.19
N VAL A 163 15.83 -21.91 -2.89
CA VAL A 163 16.33 -20.79 -3.68
C VAL A 163 17.15 -19.89 -2.75
N PHE A 164 18.43 -19.70 -3.09
CA PHE A 164 19.36 -18.97 -2.22
C PHE A 164 20.42 -18.19 -3.01
N PRO A 165 20.86 -17.02 -2.47
CA PRO A 165 21.91 -16.26 -3.11
C PRO A 165 23.29 -16.72 -2.65
N ASP A 166 24.31 -16.12 -3.27
CA ASP A 166 25.71 -16.41 -2.96
C ASP A 166 26.08 -16.14 -1.50
N LEU A 167 27.08 -16.87 -1.02
CA LEU A 167 27.60 -16.70 0.35
C LEU A 167 27.88 -15.25 0.76
N GLY A 168 28.52 -14.48 -0.10
CA GLY A 168 28.80 -13.07 0.19
C GLY A 168 27.54 -12.26 0.50
N VAL A 169 26.51 -12.50 -0.32
CA VAL A 169 25.19 -11.87 -0.10
C VAL A 169 24.57 -12.32 1.23
N ARG A 170 24.68 -13.60 1.55
CA ARG A 170 24.07 -14.17 2.77
C ARG A 170 24.67 -13.54 4.03
N VAL A 171 25.96 -13.26 4.01
CA VAL A 171 26.62 -12.58 5.12
C VAL A 171 26.13 -11.14 5.22
N CYS A 172 25.98 -10.48 4.07
CA CYS A 172 25.42 -9.13 4.04
C CYS A 172 23.98 -9.05 4.57
N GLU A 173 23.16 -10.06 4.27
CA GLU A 173 21.82 -10.12 4.84
C GLU A 173 21.86 -10.11 6.38
N LYS A 174 22.79 -10.88 6.94
CA LYS A 174 22.97 -10.94 8.40
C LYS A 174 23.34 -9.57 8.96
N MET A 175 24.24 -8.87 8.27
CA MET A 175 24.67 -7.55 8.69
C MET A 175 23.50 -6.57 8.77
N ALA A 176 22.69 -6.55 7.72
CA ALA A 176 21.55 -5.66 7.60
C ALA A 176 20.36 -6.06 8.48
N LEU A 177 20.08 -7.36 8.56
CA LEU A 177 18.77 -7.84 9.06
C LEU A 177 18.75 -8.85 10.22
N TYR A 178 19.90 -9.39 10.62
CA TYR A 178 19.86 -10.42 11.66
C TYR A 178 19.23 -9.90 12.95
N ASP A 179 19.65 -8.73 13.40
CA ASP A 179 19.07 -8.14 14.60
C ASP A 179 17.58 -7.83 14.41
N VAL A 180 17.19 -7.39 13.21
CA VAL A 180 15.77 -7.10 12.91
C VAL A 180 14.90 -8.35 12.99
N VAL A 181 15.29 -9.39 12.25
CA VAL A 181 14.50 -10.62 12.23
C VAL A 181 14.51 -11.34 13.58
N SER A 182 15.51 -11.04 14.42
CA SER A 182 15.61 -11.64 15.76
C SER A 182 14.71 -10.96 16.79
N THR A 183 14.49 -9.65 16.66
CA THR A 183 13.80 -8.85 17.68
C THR A 183 12.41 -8.33 17.28
N LEU A 184 12.18 -8.05 16.01
CA LEU A 184 10.95 -7.39 15.56
C LEU A 184 9.68 -8.24 15.68
N PRO A 185 9.72 -9.53 15.26
CA PRO A 185 8.52 -10.34 15.28
C PRO A 185 7.83 -10.44 16.64
N GLN A 186 8.59 -10.63 17.70
CA GLN A 186 8.01 -10.69 19.03
C GLN A 186 7.36 -9.37 19.46
N VAL A 187 7.97 -8.24 19.06
CA VAL A 187 7.43 -6.94 19.40
C VAL A 187 6.13 -6.71 18.62
N VAL A 188 6.12 -7.07 17.34
CA VAL A 188 4.94 -6.81 16.49
C VAL A 188 3.78 -7.76 16.80
N MET A 189 4.09 -9.04 17.04
CA MET A 189 3.06 -10.07 17.18
C MET A 189 2.79 -10.52 18.64
N GLY A 190 3.61 -10.05 19.58
CA GLY A 190 3.49 -10.38 21.00
C GLY A 190 3.54 -11.88 21.25
N SER A 191 2.59 -12.36 22.06
CA SER A 191 2.52 -13.77 22.41
C SER A 191 2.17 -14.67 21.22
N SER A 192 1.66 -14.10 20.13
CA SER A 192 1.36 -14.88 18.91
C SER A 192 2.58 -15.37 18.13
N TYR A 193 3.75 -14.79 18.39
CA TYR A 193 4.98 -15.19 17.68
C TYR A 193 5.52 -16.51 18.24
N GLY A 194 5.35 -17.56 17.46
CA GLY A 194 5.57 -18.92 17.93
C GLY A 194 6.99 -19.32 18.28
N PHE A 195 7.95 -18.77 17.54
CA PHE A 195 9.35 -19.14 17.71
C PHE A 195 9.99 -18.62 18.99
N GLN A 196 9.31 -17.76 19.74
CA GLN A 196 9.83 -17.32 21.04
C GLN A 196 9.80 -18.43 22.11
N TYR A 197 8.99 -19.47 21.91
CA TYR A 197 8.75 -20.48 22.92
C TYR A 197 9.65 -21.69 22.75
N SER A 198 10.10 -22.22 23.87
CA SER A 198 10.56 -23.60 23.92
C SER A 198 9.32 -24.48 23.76
N PRO A 199 9.50 -25.80 23.48
CA PRO A 199 8.33 -26.67 23.40
C PRO A 199 7.48 -26.68 24.67
N GLY A 200 8.14 -26.65 25.84
CA GLY A 200 7.45 -26.60 27.13
C GLY A 200 6.64 -25.33 27.31
N GLN A 201 7.24 -24.20 26.96
CA GLN A 201 6.53 -22.92 26.97
C GLN A 201 5.39 -22.86 25.95
N ARG A 202 5.59 -23.45 24.78
CA ARG A 202 4.58 -23.49 23.75
C ARG A 202 3.35 -24.24 24.25
N VAL A 203 3.58 -25.46 24.76
CA VAL A 203 2.52 -26.27 25.34
C VAL A 203 1.74 -25.55 26.43
N GLU A 204 2.46 -24.90 27.34
CA GLU A 204 1.87 -24.13 28.41
C GLU A 204 0.99 -23.00 27.85
N PHE A 205 1.51 -22.28 26.84
CA PHE A 205 0.77 -21.19 26.22
C PHE A 205 -0.52 -21.67 25.54
N LEU A 206 -0.44 -22.81 24.85
CA LEU A 206 -1.61 -23.38 24.18
C LEU A 206 -2.69 -23.80 25.17
N VAL A 207 -2.27 -24.53 26.22
CA VAL A 207 -3.19 -24.97 27.26
C VAL A 207 -3.85 -23.78 27.95
N ASN A 208 -3.05 -22.79 28.36
CA ASN A 208 -3.58 -21.59 29.02
C ASN A 208 -4.53 -20.80 28.12
N THR A 209 -4.18 -20.70 26.84
CA THR A 209 -5.01 -20.01 25.86
C THR A 209 -6.35 -20.71 25.68
N TRP A 210 -6.30 -22.03 25.58
CA TRP A 210 -7.51 -22.82 25.46
C TRP A 210 -8.44 -22.62 26.68
N LYS A 211 -7.85 -22.65 27.86
CA LYS A 211 -8.60 -22.47 29.11
C LYS A 211 -9.12 -21.05 29.32
N SER A 212 -8.45 -20.06 28.72
CA SER A 212 -8.89 -18.67 28.81
C SER A 212 -10.22 -18.37 28.12
N LYS A 213 -10.67 -19.25 27.21
CA LYS A 213 -11.97 -19.05 26.55
C LYS A 213 -13.09 -19.73 27.36
N LYS A 214 -14.25 -19.09 27.42
CA LYS A 214 -15.44 -19.67 28.07
C LYS A 214 -15.89 -20.96 27.35
N ASN A 215 -16.08 -20.87 26.04
CA ASN A 215 -16.43 -22.02 25.20
C ASN A 215 -15.42 -22.09 24.04
N PRO A 216 -14.27 -22.73 24.27
CA PRO A 216 -13.19 -22.64 23.29
C PRO A 216 -13.50 -23.34 21.96
N MET A 217 -13.06 -22.72 20.88
CA MET A 217 -13.00 -23.34 19.56
C MET A 217 -11.64 -22.99 18.97
N GLY A 218 -11.09 -23.91 18.20
CA GLY A 218 -9.80 -23.71 17.56
C GLY A 218 -9.68 -24.41 16.25
N PHE A 219 -8.79 -23.90 15.41
CA PHE A 219 -8.51 -24.52 14.13
C PHE A 219 -7.10 -24.21 13.63
N SER A 220 -6.56 -25.13 12.84
CA SER A 220 -5.34 -24.90 12.09
C SER A 220 -5.72 -24.44 10.68
N TYR A 221 -4.91 -23.57 10.10
CA TYR A 221 -5.10 -23.14 8.71
C TYR A 221 -3.77 -23.31 8.01
N ASP A 222 -3.73 -24.16 6.99
CA ASP A 222 -2.49 -24.46 6.27
C ASP A 222 -2.65 -24.03 4.82
N THR A 223 -1.91 -22.99 4.47
CA THR A 223 -1.98 -22.39 3.14
C THR A 223 -1.31 -23.32 2.14
N ARG A 224 -1.89 -23.45 0.96
CA ARG A 224 -1.29 -24.29 -0.08
C ARG A 224 -0.06 -23.56 -0.67
N CYS A 225 1.12 -24.18 -0.60
CA CYS A 225 2.35 -23.63 -1.20
CA CYS A 225 2.33 -23.63 -1.21
C CYS A 225 2.55 -22.15 -0.83
N PHE A 226 2.67 -21.91 0.47
CA PHE A 226 2.70 -20.54 1.01
C PHE A 226 3.73 -19.64 0.32
N ASP A 227 4.96 -20.11 0.17
CA ASP A 227 6.03 -19.32 -0.47
C ASP A 227 5.60 -18.78 -1.83
N SER A 228 4.95 -19.63 -2.63
CA SER A 228 4.43 -19.19 -3.94
C SER A 228 3.26 -18.21 -3.88
N THR A 229 2.51 -18.21 -2.77
CA THR A 229 1.40 -17.28 -2.58
C THR A 229 1.88 -15.88 -2.22
N VAL A 230 3.14 -15.76 -1.79
CA VAL A 230 3.70 -14.48 -1.38
C VAL A 230 3.96 -13.61 -2.63
N THR A 231 3.35 -12.43 -2.65
CA THR A 231 3.42 -11.53 -3.81
C THR A 231 4.46 -10.41 -3.63
N GLU A 232 4.69 -9.65 -4.69
CA GLU A 232 5.52 -8.45 -4.63
C GLU A 232 4.99 -7.49 -3.59
N ASN A 233 3.67 -7.27 -3.61
CA ASN A 233 3.02 -6.46 -2.58
C ASN A 233 3.37 -6.93 -1.17
N ASP A 234 3.28 -8.22 -0.93
CA ASP A 234 3.54 -8.79 0.39
C ASP A 234 4.98 -8.50 0.84
N ILE A 235 5.91 -8.60 -0.09
CA ILE A 235 7.33 -8.45 0.20
C ILE A 235 7.67 -6.96 0.41
N ARG A 236 7.04 -6.07 -0.35
CA ARG A 236 7.15 -4.63 -0.11
C ARG A 236 6.52 -4.22 1.23
N VAL A 237 5.39 -4.82 1.58
CA VAL A 237 4.74 -4.53 2.86
C VAL A 237 5.64 -4.95 4.03
N GLU A 238 6.24 -6.13 3.92
CA GLU A 238 7.27 -6.59 4.88
C GLU A 238 8.38 -5.61 5.02
N GLU A 239 8.92 -5.15 3.90
CA GLU A 239 9.95 -4.13 3.93
C GLU A 239 9.50 -2.89 4.72
N SER A 240 8.27 -2.43 4.45
CA SER A 240 7.77 -1.20 5.07
C SER A 240 7.70 -1.38 6.59
N ILE A 241 7.42 -2.59 7.04
CA ILE A 241 7.44 -2.92 8.47
C ILE A 241 8.87 -2.81 9.04
N TYR A 242 9.84 -3.43 8.38
CA TYR A 242 11.24 -3.34 8.79
C TYR A 242 11.71 -1.90 8.84
N GLN A 243 11.31 -1.10 7.84
CA GLN A 243 11.71 0.31 7.78
C GLN A 243 11.12 1.19 8.88
N CYS A 244 10.07 0.73 9.58
CA CYS A 244 9.57 1.39 10.78
C CYS A 244 10.55 1.43 11.93
N CYS A 245 11.46 0.46 11.98
CA CYS A 245 12.46 0.38 13.03
C CYS A 245 13.36 1.59 13.06
N ASP A 246 13.92 1.86 14.24
CA ASP A 246 15.04 2.80 14.39
C ASP A 246 16.27 2.03 13.90
N LEU A 247 16.81 2.46 12.76
CA LEU A 247 17.91 1.77 12.07
C LEU A 247 19.07 2.70 11.74
N ALA A 248 20.28 2.14 11.66
CA ALA A 248 21.42 2.86 11.08
C ALA A 248 21.10 3.19 9.60
N PRO A 249 21.49 4.39 9.13
CA PRO A 249 21.20 4.76 7.73
C PRO A 249 21.69 3.74 6.69
N GLU A 250 22.84 3.15 6.95
CA GLU A 250 23.40 2.12 6.10
C GLU A 250 22.50 0.87 6.06
N ALA A 251 21.98 0.47 7.21
CA ALA A 251 21.04 -0.64 7.31
C ALA A 251 19.78 -0.37 6.49
N ARG A 252 19.22 0.84 6.59
CA ARG A 252 18.04 1.23 5.81
C ARG A 252 18.24 1.03 4.33
N GLN A 253 19.40 1.49 3.85
CA GLN A 253 19.73 1.39 2.44
C GLN A 253 19.90 -0.07 2.01
N ALA A 254 20.61 -0.87 2.82
CA ALA A 254 20.83 -2.29 2.49
C ALA A 254 19.54 -3.09 2.44
N ILE A 255 18.63 -2.78 3.35
CA ILE A 255 17.31 -3.44 3.43
C ILE A 255 16.46 -3.12 2.20
N LYS A 256 16.44 -1.85 1.81
CA LYS A 256 15.79 -1.42 0.58
C LYS A 256 16.39 -2.15 -0.62
N SER A 257 17.72 -2.14 -0.69
CA SER A 257 18.46 -2.79 -1.78
C SER A 257 18.18 -4.29 -1.85
N LEU A 258 18.30 -4.96 -0.72
CA LEU A 258 18.01 -6.39 -0.64
C LEU A 258 16.59 -6.69 -1.04
N THR A 259 15.65 -5.83 -0.63
CA THR A 259 14.24 -6.04 -0.97
C THR A 259 14.03 -5.94 -2.49
N GLU A 260 14.51 -4.86 -3.08
CA GLU A 260 14.31 -4.63 -4.52
C GLU A 260 15.02 -5.66 -5.39
N ARG A 261 16.22 -6.06 -4.95
CA ARG A 261 17.12 -6.84 -5.78
C ARG A 261 17.06 -8.35 -5.54
N LEU A 262 16.62 -8.74 -4.35
CA LEU A 262 16.65 -10.16 -3.96
C LEU A 262 15.29 -10.66 -3.49
N TYR A 263 14.71 -10.01 -2.49
CA TYR A 263 13.51 -10.56 -1.84
C TYR A 263 12.28 -10.56 -2.73
N ILE A 264 12.05 -9.50 -3.50
CA ILE A 264 10.89 -9.42 -4.40
C ILE A 264 10.94 -10.48 -5.50
N GLY A 265 12.15 -10.81 -5.94
CA GLY A 265 12.28 -11.72 -7.07
C GLY A 265 13.65 -11.65 -7.71
N GLY A 266 13.84 -12.48 -8.72
CA GLY A 266 15.10 -12.49 -9.46
C GLY A 266 15.30 -13.73 -10.31
N PRO A 267 16.39 -13.75 -11.09
CA PRO A 267 16.69 -14.89 -11.96
C PRO A 267 17.09 -16.11 -11.17
N LEU A 268 16.81 -17.29 -11.73
CA LEU A 268 17.10 -18.56 -11.09
C LEU A 268 18.13 -19.31 -11.93
N THR A 269 19.22 -19.71 -11.29
CA THR A 269 20.32 -20.42 -11.95
C THR A 269 20.49 -21.80 -11.31
N ASN A 270 20.68 -22.82 -12.14
CA ASN A 270 20.95 -24.17 -11.62
C ASN A 270 22.40 -24.33 -11.18
N SER A 271 22.72 -25.48 -10.61
CA SER A 271 24.07 -25.80 -10.14
C SER A 271 25.11 -25.77 -11.25
N LYS A 272 24.70 -26.03 -12.49
CA LYS A 272 25.58 -25.98 -13.65
C LYS A 272 25.74 -24.58 -14.24
N GLY A 273 25.08 -23.58 -13.67
CA GLY A 273 25.20 -22.19 -14.13
C GLY A 273 24.24 -21.78 -15.24
N GLN A 274 23.27 -22.63 -15.56
CA GLN A 274 22.30 -22.32 -16.61
C GLN A 274 21.08 -21.61 -16.03
N ASN A 275 20.54 -20.67 -16.79
CA ASN A 275 19.35 -19.92 -16.39
C ASN A 275 18.09 -20.79 -16.45
N CYS A 276 17.48 -21.01 -15.29
CA CYS A 276 16.28 -21.85 -15.15
C CYS A 276 14.99 -21.09 -15.26
N GLY A 277 15.02 -19.80 -15.00
CA GLY A 277 13.83 -18.97 -15.10
C GLY A 277 13.88 -17.78 -14.16
N TYR A 278 12.71 -17.43 -13.63
CA TYR A 278 12.57 -16.20 -12.85
C TYR A 278 11.52 -16.34 -11.75
N ARG A 279 11.84 -15.78 -10.58
CA ARG A 279 10.99 -15.89 -9.37
C ARG A 279 10.34 -14.53 -9.09
N ARG A 280 9.04 -14.56 -8.73
CA ARG A 280 8.28 -13.38 -8.29
C ARG A 280 7.53 -13.67 -6.98
N CYS A 281 8.09 -14.56 -6.17
CA CYS A 281 7.52 -14.95 -4.92
C CYS A 281 8.63 -15.10 -3.89
N ARG A 282 8.26 -15.56 -2.69
CA ARG A 282 9.24 -15.72 -1.61
C ARG A 282 10.35 -16.70 -1.99
N ALA A 283 11.60 -16.28 -1.79
CA ALA A 283 12.74 -17.18 -1.83
C ALA A 283 12.76 -17.99 -0.54
N SER A 284 12.89 -19.33 -0.65
CA SER A 284 12.90 -20.21 0.52
C SER A 284 14.18 -20.13 1.33
N GLY A 285 15.27 -19.66 0.73
CA GLY A 285 16.59 -19.70 1.33
C GLY A 285 17.25 -18.36 1.52
N VAL A 286 16.49 -17.41 2.06
CA VAL A 286 17.06 -16.12 2.45
C VAL A 286 16.81 -15.88 3.93
N LEU A 287 17.53 -14.90 4.49
CA LEU A 287 17.47 -14.65 5.92
C LEU A 287 16.05 -14.32 6.42
N THR A 288 15.32 -13.59 5.58
CA THR A 288 14.01 -13.07 5.93
C THR A 288 12.85 -14.06 5.66
N THR A 289 13.14 -15.29 5.22
CA THR A 289 12.09 -16.24 4.88
C THR A 289 11.15 -16.50 6.06
N SER A 290 11.72 -16.84 7.22
CA SER A 290 10.93 -17.15 8.39
C SER A 290 10.14 -15.94 8.92
N CYS A 291 10.84 -14.83 9.15
CA CYS A 291 10.22 -13.61 9.67
C CYS A 291 9.17 -13.03 8.71
N GLY A 292 9.54 -12.95 7.43
CA GLY A 292 8.63 -12.49 6.40
C GLY A 292 7.36 -13.33 6.29
N ASN A 293 7.53 -14.66 6.25
CA ASN A 293 6.36 -15.53 6.23
C ASN A 293 5.50 -15.37 7.48
N THR A 294 6.14 -15.24 8.65
CA THR A 294 5.39 -15.12 9.89
C THR A 294 4.58 -13.83 9.92
N LEU A 295 5.21 -12.71 9.55
CA LEU A 295 4.53 -11.42 9.54
C LEU A 295 3.39 -11.41 8.54
N THR A 296 3.65 -11.97 7.36
CA THR A 296 2.65 -12.01 6.29
C THR A 296 1.47 -12.90 6.65
N CYS A 297 1.75 -14.08 7.19
CA CYS A 297 0.70 -14.97 7.65
C CYS A 297 -0.13 -14.31 8.76
N TYR A 298 0.55 -13.67 9.72
CA TYR A 298 -0.12 -12.98 10.83
C TYR A 298 -1.03 -11.84 10.34
N LEU A 299 -0.51 -11.06 9.42
CA LEU A 299 -1.24 -9.92 8.85
C LEU A 299 -2.51 -10.41 8.16
N LYS A 300 -2.35 -11.36 7.24
CA LYS A 300 -3.49 -11.88 6.47
C LYS A 300 -4.51 -12.56 7.40
N ALA A 301 -4.01 -13.38 8.33
CA ALA A 301 -4.85 -14.12 9.29
C ALA A 301 -5.59 -13.20 10.27
N SER A 302 -4.90 -12.19 10.79
CA SER A 302 -5.55 -11.24 11.70
C SER A 302 -6.70 -10.47 11.04
N ALA A 303 -6.45 -9.98 9.83
CA ALA A 303 -7.46 -9.31 9.00
C ALA A 303 -8.64 -10.26 8.68
N ALA A 304 -8.32 -11.51 8.38
CA ALA A 304 -9.32 -12.52 8.09
C ALA A 304 -10.19 -12.88 9.31
N CYS A 305 -9.60 -12.88 10.50
CA CYS A 305 -10.36 -13.04 11.76
C CYS A 305 -11.40 -11.94 11.91
N ARG A 306 -11.02 -10.71 11.55
CA ARG A 306 -11.92 -9.57 11.64
C ARG A 306 -13.05 -9.68 10.62
N ALA A 307 -12.70 -10.09 9.39
CA ALA A 307 -13.70 -10.31 8.34
C ALA A 307 -14.73 -11.36 8.76
N ALA A 308 -14.25 -12.43 9.40
CA ALA A 308 -15.12 -13.50 9.88
C ALA A 308 -15.80 -13.20 11.22
N LYS A 309 -15.50 -12.06 11.84
CA LYS A 309 -16.07 -11.67 13.13
C LYS A 309 -15.87 -12.72 14.23
N LEU A 310 -14.71 -13.36 14.24
CA LEU A 310 -14.38 -14.33 15.28
C LEU A 310 -14.12 -13.56 16.57
N GLN A 311 -14.67 -14.05 17.68
CA GLN A 311 -14.64 -13.33 18.95
C GLN A 311 -13.48 -13.80 19.83
N ASP A 312 -12.73 -12.84 20.36
CA ASP A 312 -11.68 -13.09 21.35
C ASP A 312 -10.63 -14.07 20.82
N CYS A 313 -10.10 -13.73 19.66
CA CYS A 313 -9.08 -14.53 18.97
C CYS A 313 -7.74 -14.44 19.62
N THR A 314 -7.12 -15.60 19.79
CA THR A 314 -5.70 -15.69 20.10
C THR A 314 -5.09 -16.50 18.97
N MET A 315 -4.17 -15.89 18.24
CA MET A 315 -3.47 -16.57 17.17
C MET A 315 -2.11 -17.06 17.64
N LEU A 316 -1.65 -18.14 17.02
CA LEU A 316 -0.29 -18.62 17.15
C LEU A 316 0.25 -18.89 15.75
N VAL A 317 1.35 -18.21 15.43
CA VAL A 317 1.87 -18.17 14.07
C VAL A 317 3.38 -18.41 14.12
N ASN A 318 3.86 -19.31 13.26
CA ASN A 318 5.30 -19.46 13.01
C ASN A 318 5.55 -19.90 11.58
N GLY A 319 6.23 -19.05 10.82
CA GLY A 319 6.34 -19.20 9.38
C GLY A 319 4.94 -19.20 8.79
N ASP A 320 4.65 -20.21 7.98
CA ASP A 320 3.35 -20.31 7.34
C ASP A 320 2.32 -21.11 8.14
N ASP A 321 2.73 -21.62 9.31
CA ASP A 321 1.85 -22.43 10.15
C ASP A 321 1.03 -21.52 11.06
N LEU A 322 -0.26 -21.79 11.12
CA LEU A 322 -1.22 -20.94 11.80
C LEU A 322 -2.24 -21.74 12.58
N VAL A 323 -2.43 -21.38 13.84
CA VAL A 323 -3.55 -21.84 14.64
C VAL A 323 -4.26 -20.63 15.25
N VAL A 324 -5.60 -20.67 15.22
CA VAL A 324 -6.44 -19.69 15.88
C VAL A 324 -7.26 -20.41 16.93
N ILE A 325 -7.27 -19.87 18.16
CA ILE A 325 -8.15 -20.30 19.24
C ILE A 325 -9.01 -19.10 19.61
N CYS A 326 -10.32 -19.32 19.71
CA CYS A 326 -11.28 -18.24 19.91
C CYS A 326 -12.53 -18.72 20.63
N GLU A 327 -13.46 -17.78 20.86
CA GLU A 327 -14.73 -18.07 21.54
C GLU A 327 -15.73 -18.65 20.56
N SER A 328 -16.29 -19.81 20.88
CA SER A 328 -17.27 -20.45 20.01
C SER A 328 -18.57 -19.64 20.03
N ALA A 329 -19.18 -19.50 18.85
CA ALA A 329 -20.51 -18.94 18.72
C ALA A 329 -21.54 -20.04 18.51
N GLY A 330 -21.15 -21.31 18.68
CA GLY A 330 -21.95 -22.50 18.35
C GLY A 330 -21.44 -23.23 17.11
N VAL A 331 -21.68 -24.54 17.05
CA VAL A 331 -21.12 -25.38 15.99
C VAL A 331 -21.44 -24.86 14.58
N GLN A 332 -22.70 -24.52 14.35
CA GLN A 332 -23.19 -24.10 13.03
C GLN A 332 -22.63 -22.75 12.59
N GLU A 333 -22.56 -21.83 13.55
CA GLU A 333 -22.09 -20.48 13.31
C GLU A 333 -20.55 -20.49 13.15
N ASP A 334 -19.87 -21.27 14.00
CA ASP A 334 -18.42 -21.47 13.87
C ASP A 334 -18.05 -21.95 12.47
N ALA A 335 -18.75 -22.98 11.98
CA ALA A 335 -18.48 -23.53 10.65
C ALA A 335 -18.65 -22.47 9.56
N ALA A 336 -19.71 -21.67 9.68
CA ALA A 336 -19.96 -20.55 8.75
C ALA A 336 -18.82 -19.53 8.79
N SER A 337 -18.42 -19.17 10.00
CA SER A 337 -17.39 -18.15 10.20
C SER A 337 -16.05 -18.57 9.62
N LEU A 338 -15.75 -19.87 9.65
CA LEU A 338 -14.50 -20.38 9.06
C LEU A 338 -14.50 -20.29 7.54
N ARG A 339 -15.65 -20.50 6.92
CA ARG A 339 -15.75 -20.35 5.47
C ARG A 339 -15.48 -18.88 5.09
N VAL A 340 -15.96 -17.94 5.91
CA VAL A 340 -15.72 -16.51 5.70
C VAL A 340 -14.24 -16.19 5.91
N PHE A 341 -13.66 -16.72 6.99
CA PHE A 341 -12.22 -16.64 7.23
C PHE A 341 -11.43 -17.09 5.99
N THR A 342 -11.76 -18.28 5.51
CA THR A 342 -11.13 -18.84 4.31
C THR A 342 -11.31 -17.97 3.05
N GLU A 343 -12.51 -17.42 2.87
CA GLU A 343 -12.75 -16.52 1.75
C GLU A 343 -11.87 -15.27 1.82
N ALA A 344 -11.70 -14.72 3.01
CA ALA A 344 -10.82 -13.59 3.23
C ALA A 344 -9.34 -13.90 2.95
N MET A 345 -8.87 -15.01 3.53
CA MET A 345 -7.50 -15.49 3.29
C MET A 345 -7.25 -15.69 1.80
N THR A 346 -8.23 -16.29 1.14
CA THR A 346 -8.13 -16.51 -0.29
C THR A 346 -8.07 -15.21 -1.06
N ARG A 347 -8.86 -14.20 -0.68
CA ARG A 347 -8.74 -12.88 -1.31
C ARG A 347 -7.35 -12.26 -1.10
N TYR A 348 -6.73 -12.55 0.04
CA TYR A 348 -5.37 -12.09 0.32
C TYR A 348 -4.26 -12.94 -0.36
N SER A 349 -4.67 -13.92 -1.17
CA SER A 349 -3.84 -14.80 -1.98
C SER A 349 -3.46 -16.12 -1.29
N ALA A 350 -3.99 -16.40 -0.11
CA ALA A 350 -3.57 -17.58 0.67
C ALA A 350 -4.70 -18.58 0.87
N PRO A 351 -5.13 -19.28 -0.20
CA PRO A 351 -6.15 -20.30 -0.02
C PRO A 351 -5.57 -21.50 0.73
N PRO A 352 -6.43 -22.32 1.38
CA PRO A 352 -5.93 -23.47 2.11
C PRO A 352 -5.69 -24.70 1.23
N GLY A 353 -4.80 -25.58 1.65
CA GLY A 353 -4.63 -26.88 1.02
C GLY A 353 -5.90 -27.69 1.20
N ASP A 354 -6.31 -27.83 2.46
CA ASP A 354 -7.60 -28.42 2.82
C ASP A 354 -8.36 -27.44 3.70
N PRO A 355 -9.71 -27.40 3.59
CA PRO A 355 -10.42 -26.36 4.35
C PRO A 355 -10.26 -26.53 5.86
N PRO A 356 -10.22 -25.42 6.61
CA PRO A 356 -10.10 -25.54 8.06
C PRO A 356 -11.32 -26.16 8.73
N GLN A 357 -11.11 -26.82 9.86
CA GLN A 357 -12.18 -27.46 10.62
C GLN A 357 -12.20 -26.94 12.04
N PRO A 358 -13.37 -26.48 12.53
CA PRO A 358 -13.41 -26.11 13.94
C PRO A 358 -13.23 -27.33 14.83
N GLU A 359 -12.50 -27.18 15.93
CA GLU A 359 -12.30 -28.25 16.89
C GLU A 359 -12.64 -27.74 18.28
N TYR A 360 -13.24 -28.62 19.08
CA TYR A 360 -13.71 -28.28 20.41
C TYR A 360 -12.93 -29.04 21.48
N ASP A 361 -11.82 -29.66 21.07
CA ASP A 361 -10.82 -30.21 21.98
C ASP A 361 -9.45 -29.86 21.42
N LEU A 362 -8.59 -29.30 22.29
CA LEU A 362 -7.25 -28.87 21.91
C LEU A 362 -6.45 -29.98 21.24
N GLU A 363 -6.59 -31.20 21.75
CA GLU A 363 -5.83 -32.37 21.30
C GLU A 363 -6.17 -32.79 19.87
N LEU A 364 -7.30 -32.34 19.32
CA LEU A 364 -7.67 -32.67 17.94
C LEU A 364 -7.17 -31.67 16.87
N ILE A 365 -6.42 -30.65 17.30
CA ILE A 365 -5.82 -29.70 16.37
C ILE A 365 -4.41 -30.19 16.01
N THR A 366 -4.10 -30.26 14.73
CA THR A 366 -2.76 -30.61 14.25
C THR A 366 -2.16 -29.41 13.56
N SER A 367 -0.93 -29.07 13.94
CA SER A 367 -0.19 -27.97 13.29
C SER A 367 1.31 -28.22 13.42
N CYS A 368 2.07 -27.92 12.36
CA CYS A 368 3.48 -28.32 12.25
C CYS A 368 3.63 -29.83 12.52
N SER A 369 2.72 -30.61 11.95
CA SER A 369 2.65 -32.08 12.13
C SER A 369 2.44 -32.57 13.56
N SER A 370 2.17 -31.65 14.49
CA SER A 370 2.18 -31.96 15.91
C SER A 370 0.82 -31.72 16.54
N ASN A 371 0.59 -32.42 17.65
CA ASN A 371 -0.60 -32.26 18.47
C ASN A 371 -0.23 -32.33 19.94
N VAL A 372 -1.08 -31.73 20.76
CA VAL A 372 -0.97 -31.78 22.20
C VAL A 372 -1.54 -33.11 22.68
N SER A 373 -0.81 -33.77 23.57
CA SER A 373 -1.29 -34.99 24.24
C SER A 373 -0.96 -34.87 25.73
N VAL A 374 -1.36 -35.90 26.49
CA VAL A 374 -1.21 -35.86 27.93
C VAL A 374 -0.59 -37.14 28.45
N ALA A 375 0.28 -36.97 29.44
CA ALA A 375 0.87 -38.07 30.20
C ALA A 375 0.90 -37.65 31.67
N HIS A 376 1.53 -38.47 32.51
CA HIS A 376 1.63 -38.17 33.94
C HIS A 376 3.06 -38.22 34.43
N ASP A 377 3.41 -37.30 35.32
CA ASP A 377 4.75 -37.27 35.94
C ASP A 377 4.84 -38.24 37.14
N ALA A 378 5.98 -38.21 37.84
CA ALA A 378 6.24 -39.12 38.97
C ALA A 378 5.16 -39.09 40.05
N SER A 379 4.61 -37.91 40.33
CA SER A 379 3.56 -37.77 41.37
C SER A 379 2.15 -38.05 40.86
N GLY A 380 2.00 -38.36 39.57
CA GLY A 380 0.68 -38.63 38.99
C GLY A 380 -0.03 -37.42 38.39
N LYS A 381 0.58 -36.23 38.52
CA LYS A 381 0.01 -35.00 37.96
C LYS A 381 0.05 -35.02 36.43
N ARG A 382 -0.99 -34.47 35.81
CA ARG A 382 -1.09 -34.38 34.34
C ARG A 382 -0.01 -33.45 33.80
N VAL A 383 0.72 -33.93 32.80
CA VAL A 383 1.65 -33.11 32.05
C VAL A 383 1.26 -33.13 30.58
N TYR A 384 1.17 -31.94 30.00
CA TYR A 384 0.90 -31.79 28.58
C TYR A 384 2.23 -31.74 27.82
N TYR A 385 2.23 -32.27 26.60
CA TYR A 385 3.43 -32.24 25.76
C TYR A 385 3.04 -32.33 24.29
N LEU A 386 3.94 -31.85 23.44
CA LEU A 386 3.75 -31.91 21.99
C LEU A 386 4.40 -33.18 21.42
N THR A 387 3.62 -33.89 20.62
CA THR A 387 4.04 -35.11 19.95
C THR A 387 3.68 -35.04 18.48
N ARG A 388 4.01 -36.09 17.76
CA ARG A 388 3.63 -36.25 16.37
C ARG A 388 3.62 -37.72 15.99
N ASP A 389 3.16 -38.00 14.78
CA ASP A 389 3.30 -39.32 14.19
C ASP A 389 4.80 -39.59 13.97
N PRO A 390 5.34 -40.70 14.51
CA PRO A 390 6.78 -40.93 14.43
C PRO A 390 7.30 -41.48 13.08
N THR A 391 6.43 -41.61 12.09
CA THR A 391 6.80 -42.24 10.82
C THR A 391 7.99 -41.56 10.13
N THR A 392 7.92 -40.24 9.94
CA THR A 392 9.02 -39.52 9.28
C THR A 392 10.30 -39.52 10.15
N PRO A 393 10.18 -39.22 11.46
CA PRO A 393 11.36 -39.33 12.32
C PRO A 393 12.07 -40.69 12.27
N LEU A 394 11.29 -41.77 12.29
CA LEU A 394 11.85 -43.13 12.21
C LEU A 394 12.45 -43.46 10.86
N ALA A 395 11.79 -43.02 9.78
CA ALA A 395 12.36 -43.17 8.43
C ALA A 395 13.71 -42.47 8.30
N ARG A 396 13.81 -41.25 8.83
CA ARG A 396 15.07 -40.48 8.76
C ARG A 396 16.14 -41.07 9.68
N ALA A 397 15.72 -41.55 10.85
CA ALA A 397 16.61 -42.30 11.74
C ALA A 397 17.22 -43.52 11.05
N ALA A 398 16.40 -44.25 10.30
CA ALA A 398 16.88 -45.39 9.52
C ALA A 398 17.97 -45.00 8.52
N TRP A 399 17.74 -43.90 7.81
CA TRP A 399 18.69 -43.41 6.84
C TRP A 399 20.00 -43.01 7.52
N GLU A 400 19.87 -42.27 8.61
CA GLU A 400 21.01 -41.78 9.38
C GLU A 400 21.77 -42.88 10.14
N THR A 401 21.12 -44.01 10.37
CA THR A 401 21.80 -45.20 10.91
C THR A 401 22.88 -45.72 9.92
N ALA A 402 22.58 -45.63 8.62
CA ALA A 402 23.45 -46.17 7.56
C ALA A 402 24.32 -45.14 6.86
N ARG A 403 23.96 -43.86 6.95
CA ARG A 403 24.65 -42.77 6.24
C ARG A 403 24.89 -41.58 7.14
N HIS A 404 26.08 -41.02 7.09
CA HIS A 404 26.34 -39.74 7.75
C HIS A 404 25.69 -38.64 6.91
N THR A 405 24.97 -37.75 7.57
CA THR A 405 24.22 -36.70 6.88
C THR A 405 24.58 -35.34 7.49
N PRO A 406 24.40 -34.25 6.73
CA PRO A 406 24.73 -32.93 7.26
C PRO A 406 23.90 -32.56 8.48
N VAL A 407 22.61 -32.87 8.45
CA VAL A 407 21.72 -32.64 9.57
C VAL A 407 21.38 -33.98 10.22
N ASN A 408 21.56 -34.07 11.53
CA ASN A 408 21.19 -35.25 12.30
C ASN A 408 19.77 -35.06 12.82
N SER A 409 18.79 -35.39 11.99
CA SER A 409 17.38 -35.25 12.39
C SER A 409 17.08 -35.98 13.69
N TRP A 410 17.73 -37.13 13.90
CA TRP A 410 17.51 -37.90 15.13
C TRP A 410 17.76 -37.09 16.39
N LEU A 411 18.84 -36.30 16.36
CA LEU A 411 19.25 -35.52 17.52
C LEU A 411 18.27 -34.37 17.76
N GLY A 412 17.91 -33.68 16.69
CA GLY A 412 16.89 -32.64 16.75
C GLY A 412 15.56 -33.15 17.26
N ASN A 413 15.15 -34.32 16.77
CA ASN A 413 13.92 -34.95 17.24
C ASN A 413 13.96 -35.32 18.72
N ILE A 414 15.09 -35.84 19.20
CA ILE A 414 15.23 -36.16 20.62
C ILE A 414 15.07 -34.89 21.45
N ILE A 415 15.74 -33.83 21.04
CA ILE A 415 15.66 -32.57 21.75
C ILE A 415 14.22 -32.01 21.76
N MET A 416 13.61 -31.90 20.58
CA MET A 416 12.33 -31.23 20.47
C MET A 416 11.13 -32.09 20.89
N TYR A 417 11.26 -33.41 20.77
CA TYR A 417 10.22 -34.36 21.18
C TYR A 417 10.66 -35.29 22.33
N ALA A 418 11.57 -34.81 23.18
CA ALA A 418 12.07 -35.54 24.36
C ALA A 418 11.01 -36.15 25.29
N PRO A 419 9.86 -35.47 25.52
CA PRO A 419 8.83 -36.08 26.38
C PRO A 419 8.05 -37.26 25.73
N THR A 420 8.19 -37.46 24.42
CA THR A 420 7.38 -38.44 23.72
C THR A 420 7.84 -39.87 24.01
N LEU A 421 6.89 -40.79 23.95
CA LEU A 421 7.21 -42.19 24.18
C LEU A 421 8.17 -42.73 23.13
N TRP A 422 7.96 -42.34 21.87
CA TRP A 422 8.76 -42.80 20.74
C TRP A 422 10.19 -42.24 20.72
N ALA A 423 10.37 -40.96 21.05
CA ALA A 423 11.72 -40.39 21.14
C ALA A 423 12.52 -41.02 22.28
N ARG A 424 11.86 -41.26 23.41
CA ARG A 424 12.54 -41.78 24.58
C ARG A 424 12.89 -43.25 24.39
N MET A 425 11.94 -44.05 23.90
CA MET A 425 12.10 -45.51 23.86
C MET A 425 12.91 -45.95 22.66
N ILE A 426 12.74 -45.28 21.52
CA ILE A 426 13.36 -45.73 20.27
C ILE A 426 14.60 -44.91 19.89
N LEU A 427 14.45 -43.61 19.71
CA LEU A 427 15.55 -42.75 19.27
C LEU A 427 16.69 -42.68 20.28
N MET A 428 16.37 -42.47 21.55
CA MET A 428 17.42 -42.40 22.57
C MET A 428 18.13 -43.75 22.66
N THR A 429 17.37 -44.85 22.68
CA THR A 429 17.94 -46.18 22.84
C THR A 429 18.82 -46.56 21.67
N HIS A 430 18.28 -46.39 20.46
CA HIS A 430 18.99 -46.74 19.24
C HIS A 430 20.31 -45.97 19.07
N PHE A 431 20.24 -44.65 19.21
CA PHE A 431 21.41 -43.81 18.92
C PHE A 431 22.47 -43.81 20.02
N PHE A 432 22.06 -43.87 21.29
CA PHE A 432 23.06 -44.01 22.35
C PHE A 432 23.83 -45.33 22.23
N SER A 433 23.14 -46.37 21.77
CA SER A 433 23.77 -47.66 21.50
CA SER A 433 23.77 -47.68 21.50
C SER A 433 24.83 -47.54 20.44
N ILE A 434 24.50 -46.82 19.36
CA ILE A 434 25.43 -46.54 18.28
C ILE A 434 26.63 -45.72 18.76
N LEU A 435 26.36 -44.66 19.51
CA LEU A 435 27.41 -43.81 20.05
C LEU A 435 28.34 -44.55 21.02
N LEU A 436 27.77 -45.39 21.86
CA LEU A 436 28.56 -46.27 22.74
C LEU A 436 29.49 -47.18 21.95
N ALA A 437 28.96 -47.84 20.94
CA ALA A 437 29.77 -48.75 20.10
C ALA A 437 30.95 -48.06 19.41
N GLN A 438 30.77 -46.83 18.98
CA GLN A 438 31.81 -46.07 18.31
C GLN A 438 32.63 -45.21 19.27
N GLU A 439 32.28 -45.19 20.55
CA GLU A 439 32.87 -44.29 21.54
C GLU A 439 32.81 -42.83 21.08
N GLN A 440 31.65 -42.41 20.59
CA GLN A 440 31.45 -41.05 20.07
C GLN A 440 30.45 -40.23 20.90
N LEU A 441 30.31 -40.55 22.18
CA LEU A 441 29.40 -39.80 23.05
C LEU A 441 29.80 -38.31 23.15
N GLU A 442 31.09 -38.04 23.15
CA GLU A 442 31.60 -36.67 23.32
C GLU A 442 31.66 -35.86 22.02
N LYS A 443 31.45 -36.50 20.87
CA LYS A 443 31.59 -35.82 19.58
C LYS A 443 30.39 -34.92 19.27
N ALA A 444 30.65 -33.62 19.11
CA ALA A 444 29.59 -32.67 18.75
C ALA A 444 28.99 -32.98 17.37
N LEU A 445 27.67 -32.89 17.27
CA LEU A 445 26.96 -33.18 16.03
C LEU A 445 26.10 -31.99 15.62
N ASP A 446 25.91 -31.83 14.32
CA ASP A 446 25.08 -30.75 13.77
C ASP A 446 23.62 -31.18 13.70
N CYS A 447 22.75 -30.31 14.19
CA CYS A 447 21.31 -30.52 14.12
C CYS A 447 20.58 -29.19 13.99
N GLN A 448 19.27 -29.26 13.78
CA GLN A 448 18.46 -28.07 13.48
C GLN A 448 17.36 -27.86 14.50
N ILE A 449 17.31 -26.65 15.06
CA ILE A 449 16.25 -26.22 15.97
C ILE A 449 15.64 -24.92 15.41
N TYR A 450 14.38 -25.00 15.03
CA TYR A 450 13.62 -23.89 14.38
C TYR A 450 14.41 -23.29 13.21
N GLY A 451 14.99 -24.16 12.38
CA GLY A 451 15.76 -23.73 11.21
C GLY A 451 17.21 -23.35 11.42
N ALA A 452 17.58 -22.98 12.64
CA ALA A 452 18.94 -22.59 12.95
C ALA A 452 19.79 -23.85 13.21
N CYS A 453 21.02 -23.86 12.72
CA CYS A 453 21.94 -24.99 12.91
C CYS A 453 22.68 -24.88 14.26
N TYR A 454 22.71 -25.99 15.00
CA TYR A 454 23.39 -26.05 16.28
C TYR A 454 24.36 -27.22 16.30
N SER A 455 25.53 -27.02 16.91
CA SER A 455 26.47 -28.09 17.18
C SER A 455 26.30 -28.50 18.64
N ILE A 456 25.94 -29.76 18.86
CA ILE A 456 25.53 -30.24 20.18
C ILE A 456 26.21 -31.57 20.47
N GLU A 457 26.73 -31.70 21.69
CA GLU A 457 27.30 -32.96 22.16
C GLU A 457 26.18 -33.77 22.81
N PRO A 458 25.99 -35.02 22.36
CA PRO A 458 24.95 -35.88 22.93
C PRO A 458 24.98 -35.98 24.46
N LEU A 459 26.18 -35.93 25.05
CA LEU A 459 26.31 -35.93 26.51
C LEU A 459 25.64 -34.74 27.23
N ASP A 460 25.35 -33.66 26.51
CA ASP A 460 24.64 -32.51 27.10
C ASP A 460 23.12 -32.61 27.03
N LEU A 461 22.59 -33.69 26.45
CA LEU A 461 21.13 -33.83 26.30
C LEU A 461 20.29 -33.68 27.58
N PRO A 462 20.73 -34.27 28.72
CA PRO A 462 19.93 -34.11 29.94
C PRO A 462 19.65 -32.65 30.35
N GLN A 463 20.69 -31.81 30.33
CA GLN A 463 20.59 -30.38 30.63
C GLN A 463 19.70 -29.67 29.62
N ILE A 464 19.87 -30.00 28.34
CA ILE A 464 19.10 -29.39 27.27
C ILE A 464 17.62 -29.77 27.41
N ILE A 465 17.35 -31.06 27.66
CA ILE A 465 15.99 -31.52 27.79
C ILE A 465 15.29 -30.88 29.00
N GLU A 466 16.00 -30.76 30.12
CA GLU A 466 15.45 -30.16 31.34
C GLU A 466 15.01 -28.72 31.11
N ARG A 467 15.81 -27.96 30.38
CA ARG A 467 15.50 -26.56 30.11
C ARG A 467 14.35 -26.39 29.11
N LEU A 468 14.32 -27.22 28.07
CA LEU A 468 13.27 -27.11 27.04
C LEU A 468 11.93 -27.70 27.46
N HIS A 469 11.96 -28.67 28.36
CA HIS A 469 10.75 -29.44 28.73
C HIS A 469 10.42 -29.54 30.21
N GLY A 470 11.39 -29.22 31.08
CA GLY A 470 11.24 -29.47 32.50
C GLY A 470 11.67 -30.89 32.89
N LEU A 471 11.91 -31.06 34.18
CA LEU A 471 12.42 -32.31 34.73
C LEU A 471 11.44 -33.47 34.53
N SER A 472 10.14 -33.16 34.42
CA SER A 472 9.10 -34.17 34.17
C SER A 472 9.28 -34.98 32.88
N ALA A 473 9.99 -34.43 31.89
CA ALA A 473 10.30 -35.16 30.66
C ALA A 473 11.04 -36.52 30.86
N PHE A 474 11.71 -36.68 32.00
CA PHE A 474 12.42 -37.92 32.35
C PHE A 474 11.61 -38.89 33.21
N SER A 475 10.38 -38.52 33.57
CA SER A 475 9.53 -39.40 34.39
C SER A 475 8.11 -39.60 33.86
N LEU A 476 7.81 -39.15 32.64
CA LEU A 476 6.46 -39.27 32.11
C LEU A 476 6.08 -40.73 31.93
N HIS A 477 4.84 -41.05 32.27
CA HIS A 477 4.29 -42.39 32.12
C HIS A 477 2.79 -42.25 31.95
N SER A 478 2.09 -43.39 31.78
CA SER A 478 0.65 -43.38 31.56
C SER A 478 0.29 -42.44 30.41
N TYR A 479 0.92 -42.73 29.26
CA TYR A 479 0.64 -42.03 28.02
C TYR A 479 -0.78 -42.39 27.58
N SER A 480 -1.39 -41.57 26.72
CA SER A 480 -2.77 -41.83 26.29
C SER A 480 -2.85 -43.09 25.40
N PRO A 481 -4.01 -43.80 25.41
CA PRO A 481 -4.18 -44.97 24.53
C PRO A 481 -4.04 -44.65 23.04
N GLY A 482 -4.56 -43.50 22.64
CA GLY A 482 -4.45 -43.03 21.26
C GLY A 482 -3.00 -42.80 20.82
N GLU A 483 -2.20 -42.18 21.69
CA GLU A 483 -0.79 -41.94 21.38
C GLU A 483 -0.04 -43.27 21.27
N ILE A 484 -0.24 -44.14 22.27
CA ILE A 484 0.36 -45.49 22.28
C ILE A 484 0.00 -46.27 21.01
N ASN A 485 -1.29 -46.24 20.65
CA ASN A 485 -1.75 -46.96 19.46
C ASN A 485 -1.15 -46.43 18.15
N ARG A 486 -1.01 -45.10 18.04
CA ARG A 486 -0.37 -44.51 16.86
C ARG A 486 1.08 -44.97 16.70
N VAL A 487 1.82 -44.96 17.80
CA VAL A 487 3.21 -45.39 17.79
C VAL A 487 3.30 -46.85 17.40
N ALA A 488 2.56 -47.70 18.12
CA ALA A 488 2.56 -49.15 17.87
C ALA A 488 2.22 -49.46 16.41
N SER A 489 1.20 -48.79 15.90
CA SER A 489 0.78 -48.92 14.50
C SER A 489 1.87 -48.51 13.51
N CYS A 490 2.54 -47.39 13.81
CA CYS A 490 3.68 -46.96 13.01
C CYS A 490 4.81 -48.02 12.99
N LEU A 491 5.10 -48.61 14.14
CA LEU A 491 6.13 -49.64 14.24
C LEU A 491 5.81 -50.86 13.36
N ARG A 492 4.56 -51.31 13.38
CA ARG A 492 4.13 -52.44 12.53
C ARG A 492 4.26 -52.08 11.06
N LYS A 493 3.82 -50.88 10.71
CA LYS A 493 3.92 -50.37 9.34
C LYS A 493 5.34 -50.38 8.80
N LEU A 494 6.28 -49.88 9.59
CA LEU A 494 7.67 -49.77 9.16
C LEU A 494 8.53 -51.02 9.44
N GLY A 495 7.96 -51.99 10.16
CA GLY A 495 8.70 -53.18 10.55
C GLY A 495 9.76 -52.87 11.59
N VAL A 496 9.43 -51.95 12.50
CA VAL A 496 10.30 -51.61 13.62
C VAL A 496 9.96 -52.54 14.78
N PRO A 497 10.97 -53.01 15.54
CA PRO A 497 10.66 -53.86 16.71
C PRO A 497 9.69 -53.18 17.69
N PRO A 498 8.82 -53.98 18.35
CA PRO A 498 7.84 -53.42 19.27
C PRO A 498 8.46 -52.80 20.53
N LEU A 499 7.70 -51.96 21.20
CA LEU A 499 8.20 -51.20 22.35
C LEU A 499 8.82 -52.06 23.45
N ARG A 500 8.30 -53.27 23.66
CA ARG A 500 8.89 -54.25 24.59
C ARG A 500 10.35 -54.54 24.29
N VAL A 501 10.69 -54.68 23.00
CA VAL A 501 12.08 -54.93 22.60
C VAL A 501 12.96 -53.72 22.95
N TRP A 502 12.44 -52.51 22.72
CA TRP A 502 13.20 -51.30 23.01
C TRP A 502 13.44 -51.11 24.50
N ARG A 503 12.45 -51.48 25.32
CA ARG A 503 12.64 -51.46 26.77
C ARG A 503 13.81 -52.33 27.18
N HIS A 504 13.88 -53.53 26.61
CA HIS A 504 14.96 -54.45 26.89
C HIS A 504 16.34 -53.89 26.45
N ARG A 505 16.41 -53.36 25.24
CA ARG A 505 17.65 -52.75 24.76
C ARG A 505 18.09 -51.55 25.61
N ALA A 506 17.12 -50.75 26.03
CA ALA A 506 17.39 -49.57 26.84
C ALA A 506 18.02 -49.89 28.19
N ARG A 507 17.59 -50.99 28.82
CA ARG A 507 18.22 -51.48 30.06
C ARG A 507 19.72 -51.71 29.88
N SER A 508 20.08 -52.34 28.76
CA SER A 508 21.49 -52.56 28.39
C SER A 508 22.23 -51.26 28.14
N VAL A 509 21.65 -50.38 27.32
CA VAL A 509 22.23 -49.07 27.04
C VAL A 509 22.45 -48.27 28.32
N ARG A 510 21.44 -48.26 29.18
CA ARG A 510 21.52 -47.57 30.47
C ARG A 510 22.69 -48.09 31.32
N ALA A 511 22.76 -49.41 31.48
CA ALA A 511 23.81 -50.05 32.28
C ALA A 511 25.18 -49.68 31.71
N ARG A 512 25.32 -49.76 30.39
CA ARG A 512 26.56 -49.36 29.72
C ARG A 512 26.94 -47.91 30.02
N LEU A 513 25.96 -47.01 30.00
CA LEU A 513 26.23 -45.60 30.27
C LEU A 513 26.62 -45.34 31.73
N LEU A 514 25.94 -46.02 32.64
CA LEU A 514 26.27 -45.93 34.05
C LEU A 514 27.69 -46.44 34.34
N SER A 515 28.06 -47.56 33.71
CA SER A 515 29.43 -48.12 33.78
C SER A 515 30.52 -47.10 33.42
N GLN A 516 30.22 -46.22 32.47
CA GLN A 516 31.17 -45.21 31.99
C GLN A 516 31.39 -44.07 32.99
N GLY A 517 30.47 -43.89 33.93
CA GLY A 517 30.56 -42.78 34.89
C GLY A 517 30.36 -41.42 34.25
N GLY A 518 30.58 -40.36 35.04
CA GLY A 518 30.61 -38.99 34.54
C GLY A 518 29.36 -38.52 33.83
N ARG A 519 29.53 -37.70 32.80
CA ARG A 519 28.41 -37.21 31.98
C ARG A 519 27.64 -38.34 31.30
N ALA A 520 28.33 -39.42 30.95
CA ALA A 520 27.70 -40.60 30.37
C ALA A 520 26.72 -41.23 31.36
N ALA A 521 27.14 -41.34 32.62
CA ALA A 521 26.30 -41.90 33.68
C ALA A 521 25.04 -41.06 33.90
N THR A 522 25.20 -39.74 33.88
CA THR A 522 24.07 -38.80 33.97
C THR A 522 23.05 -39.01 32.84
N CYS A 523 23.52 -39.24 31.60
CA CYS A 523 22.63 -39.65 30.51
C CYS A 523 21.89 -40.93 30.84
N GLY A 524 22.64 -41.92 31.36
CA GLY A 524 22.04 -43.19 31.78
C GLY A 524 20.94 -42.99 32.80
N LYS A 525 21.26 -42.20 33.83
CA LYS A 525 20.35 -41.94 34.95
C LYS A 525 19.05 -41.26 34.51
N TYR A 526 19.17 -40.18 33.75
CA TYR A 526 18.03 -39.32 33.41
C TYR A 526 17.29 -39.75 32.16
N LEU A 527 18.02 -40.01 31.07
CA LEU A 527 17.39 -40.38 29.79
C LEU A 527 16.71 -41.74 29.84
N PHE A 528 17.22 -42.66 30.66
CA PHE A 528 16.70 -44.04 30.69
C PHE A 528 16.11 -44.48 32.02
N ASN A 529 15.70 -43.53 32.87
CA ASN A 529 15.02 -43.89 34.12
C ASN A 529 13.70 -44.62 33.89
N TRP A 530 13.06 -44.33 32.76
CA TRP A 530 11.85 -45.05 32.33
C TRP A 530 12.05 -46.56 32.12
N ALA A 531 13.28 -46.96 31.79
CA ALA A 531 13.58 -48.36 31.46
C ALA A 531 13.65 -49.27 32.67
N VAL A 532 13.98 -48.75 33.85
CA VAL A 532 14.15 -49.59 35.05
C VAL A 532 12.86 -49.74 35.87
N LYS A 533 12.75 -50.86 36.58
CA LYS A 533 11.57 -51.18 37.41
C LYS A 533 11.53 -50.27 38.62
N THR A 534 12.64 -50.22 39.36
CA THR A 534 12.78 -49.39 40.57
C THR A 534 13.48 -48.08 40.20
N LYS A 535 12.70 -47.00 40.13
CA LYS A 535 13.16 -45.72 39.60
C LYS A 535 14.07 -44.94 40.55
N LEU A 536 15.19 -44.43 40.02
CA LEU A 536 16.10 -43.53 40.77
C LEU A 536 15.48 -42.13 40.86
N LYS A 537 15.59 -41.47 42.01
CA LYS A 537 15.02 -40.13 42.21
C LYS A 537 15.84 -39.10 41.43
N LEU A 538 15.17 -38.34 40.55
CA LEU A 538 15.83 -37.39 39.68
C LEU A 538 15.70 -35.98 40.23
N THR A 539 16.83 -35.29 40.33
CA THR A 539 16.91 -33.96 40.90
C THR A 539 17.47 -33.03 39.85
N PRO A 540 17.29 -31.71 40.02
CA PRO A 540 17.79 -30.78 39.00
C PRO A 540 19.27 -31.00 38.66
N ILE A 541 19.62 -30.83 37.39
CA ILE A 541 20.96 -31.11 36.89
C ILE A 541 21.79 -29.83 37.02
N PRO A 542 22.89 -29.86 37.78
CA PRO A 542 23.72 -28.66 37.99
C PRO A 542 23.70 -27.60 36.87
N VAL A 554 14.18 -17.46 20.88
CA VAL A 554 14.17 -16.06 20.48
C VAL A 554 13.44 -15.85 19.14
N ALA A 555 13.94 -16.51 18.09
CA ALA A 555 13.38 -16.38 16.75
C ALA A 555 13.60 -17.64 15.92
N GLY A 556 12.90 -17.69 14.77
CA GLY A 556 13.05 -18.75 13.77
C GLY A 556 13.90 -18.29 12.61
N TYR A 557 14.71 -19.19 12.08
CA TYR A 557 15.65 -18.84 11.01
C TYR A 557 15.66 -19.88 9.88
N SER A 558 14.53 -20.56 9.64
CA SER A 558 14.45 -21.59 8.58
C SER A 558 14.86 -21.04 7.20
N GLY A 559 15.87 -21.66 6.60
CA GLY A 559 16.44 -21.24 5.32
C GLY A 559 17.42 -20.07 5.45
N GLY A 560 17.68 -19.65 6.68
CA GLY A 560 18.38 -18.41 6.95
C GLY A 560 19.89 -18.54 7.01
N ASP A 561 20.40 -19.78 6.92
CA ASP A 561 21.84 -20.02 6.94
C ASP A 561 22.43 -19.51 8.27
N ILE A 562 21.81 -19.90 9.39
CA ILE A 562 22.23 -19.45 10.73
C ILE A 562 22.78 -20.59 11.58
N TYR A 563 23.87 -20.30 12.30
CA TYR A 563 24.59 -21.28 13.11
C TYR A 563 24.84 -20.78 14.53
N HIS A 564 24.78 -21.69 15.50
CA HIS A 564 25.21 -21.42 16.89
C HIS A 564 25.90 -22.63 17.52
N SER A 565 26.83 -22.36 18.44
CA SER A 565 27.57 -23.38 19.18
C SER A 565 27.46 -23.04 20.68
N SER B 3 -14.43 3.94 8.09
CA SER B 3 -13.83 5.28 8.25
C SER B 3 -14.82 6.36 7.83
N MET B 4 -15.31 7.16 8.79
CA MET B 4 -16.23 8.27 8.48
C MET B 4 -15.44 9.50 7.99
N SER B 5 -15.91 10.07 6.88
CA SER B 5 -15.27 11.25 6.29
C SER B 5 -15.15 12.39 7.31
N TYR B 6 -16.19 12.54 8.14
CA TYR B 6 -16.22 13.53 9.20
C TYR B 6 -16.93 13.03 10.44
N THR B 7 -16.52 13.54 11.60
CA THR B 7 -17.26 13.47 12.86
C THR B 7 -17.58 14.90 13.27
N TRP B 8 -18.78 15.12 13.81
CA TRP B 8 -19.25 16.45 14.18
C TRP B 8 -19.56 16.54 15.67
N THR B 9 -19.24 17.68 16.27
CA THR B 9 -19.58 17.95 17.68
C THR B 9 -20.99 18.54 17.84
N GLY B 10 -21.52 19.18 16.80
CA GLY B 10 -22.78 19.90 16.90
C GLY B 10 -22.63 21.41 16.96
N ALA B 11 -21.41 21.91 17.24
CA ALA B 11 -21.11 23.32 17.08
C ALA B 11 -21.30 23.73 15.62
N LEU B 12 -21.84 24.93 15.42
CA LEU B 12 -22.22 25.38 14.09
C LEU B 12 -21.01 25.88 13.30
N ILE B 13 -21.10 25.75 11.99
CA ILE B 13 -20.16 26.38 11.09
C ILE B 13 -20.64 27.82 10.95
N THR B 14 -19.82 28.74 11.42
CA THR B 14 -20.22 30.13 11.58
C THR B 14 -19.62 31.03 10.52
N PRO B 15 -20.30 32.15 10.21
CA PRO B 15 -19.74 33.10 9.25
C PRO B 15 -18.69 33.97 9.90
N CYS B 16 -17.78 34.52 9.10
CA CYS B 16 -16.78 35.48 9.62
C CYS B 16 -17.22 36.92 9.34
N ALA B 17 -18.30 37.09 8.56
CA ALA B 17 -18.83 38.41 8.25
C ALA B 17 -20.32 38.31 7.95
N ALA B 18 -20.95 39.47 7.73
CA ALA B 18 -22.35 39.52 7.31
C ALA B 18 -22.51 38.80 5.97
N GLU B 19 -23.59 38.04 5.84
CA GLU B 19 -23.84 37.24 4.62
C GLU B 19 -25.13 37.66 3.94
N GLU B 20 -25.05 37.84 2.63
CA GLU B 20 -26.22 38.17 1.81
C GLU B 20 -26.60 36.97 0.98
N SER B 21 -27.86 36.55 1.07
CA SER B 21 -28.42 35.53 0.19
C SER B 21 -29.17 36.14 -1.00
N LYS B 22 -29.72 37.33 -0.82
CA LYS B 22 -30.55 38.01 -1.83
C LYS B 22 -29.71 38.86 -2.80
N LEU B 23 -30.02 38.80 -4.10
CA LEU B 23 -29.29 39.57 -5.11
C LEU B 23 -29.35 41.07 -4.78
N PRO B 24 -28.18 41.71 -4.56
CA PRO B 24 -28.15 43.18 -4.39
C PRO B 24 -28.52 43.86 -5.68
N ILE B 25 -29.27 44.95 -5.58
CA ILE B 25 -29.74 45.68 -6.75
C ILE B 25 -29.23 47.11 -6.72
N ASN B 26 -28.77 47.57 -7.88
CA ASN B 26 -28.41 48.98 -8.04
C ASN B 26 -29.00 49.51 -9.35
N ALA B 27 -28.58 50.71 -9.74
CA ALA B 27 -29.09 51.35 -10.94
C ALA B 27 -28.72 50.63 -12.25
N LEU B 28 -27.71 49.76 -12.21
CA LEU B 28 -27.28 48.97 -13.39
C LEU B 28 -27.92 47.57 -13.51
N SER B 29 -28.51 47.07 -12.43
CA SER B 29 -28.99 45.67 -12.38
C SER B 29 -29.96 45.32 -13.47
N ASN B 30 -31.01 46.11 -13.62
CA ASN B 30 -32.08 45.83 -14.58
C ASN B 30 -31.64 45.83 -16.04
N SER B 31 -30.57 46.57 -16.34
CA SER B 31 -29.99 46.57 -17.69
C SER B 31 -29.40 45.20 -18.06
N LEU B 32 -28.97 44.43 -17.05
CA LEU B 32 -28.47 43.09 -17.28
C LEU B 32 -29.52 42.00 -17.06
N LEU B 33 -30.24 42.06 -15.95
CA LEU B 33 -31.06 40.92 -15.50
C LEU B 33 -32.27 41.41 -14.71
N ARG B 34 -33.47 41.05 -15.16
CA ARG B 34 -34.72 41.51 -14.56
C ARG B 34 -35.28 40.55 -13.51
N HIS B 35 -35.09 39.25 -13.69
CA HIS B 35 -35.68 38.24 -12.78
C HIS B 35 -34.80 38.01 -11.57
N HIS B 36 -34.76 39.00 -10.69
CA HIS B 36 -33.84 39.07 -9.54
C HIS B 36 -34.03 37.92 -8.55
N ASN B 37 -35.28 37.51 -8.34
CA ASN B 37 -35.59 36.44 -7.39
C ASN B 37 -35.04 35.05 -7.79
N MET B 38 -34.61 34.89 -9.02
CA MET B 38 -33.98 33.64 -9.48
C MET B 38 -32.51 33.51 -9.07
N VAL B 39 -31.88 34.62 -8.64
CA VAL B 39 -30.46 34.62 -8.28
C VAL B 39 -30.31 34.64 -6.77
N TYR B 40 -29.42 33.81 -6.25
CA TYR B 40 -29.16 33.74 -4.82
C TYR B 40 -27.69 33.44 -4.53
N ALA B 41 -27.27 33.72 -3.30
CA ALA B 41 -25.95 33.30 -2.83
C ALA B 41 -26.11 32.30 -1.71
N THR B 42 -25.28 31.27 -1.71
CA THR B 42 -25.23 30.32 -0.60
C THR B 42 -24.63 31.02 0.64
N THR B 43 -25.10 30.61 1.81
CA THR B 43 -24.59 31.11 3.08
C THR B 43 -24.39 29.95 4.05
N SER B 44 -23.75 30.26 5.18
CA SER B 44 -23.57 29.32 6.28
C SER B 44 -24.88 28.74 6.83
N ARG B 45 -26.02 29.39 6.59
CA ARG B 45 -27.33 28.82 6.97
C ARG B 45 -27.60 27.43 6.41
N SER B 46 -27.03 27.11 5.25
CA SER B 46 -27.20 25.80 4.63
C SER B 46 -26.04 24.83 4.95
N ALA B 47 -25.12 25.24 5.84
CA ALA B 47 -23.94 24.42 6.14
C ALA B 47 -24.32 23.06 6.71
N GLY B 48 -25.32 23.05 7.59
CA GLY B 48 -25.89 21.82 8.15
C GLY B 48 -26.33 20.80 7.10
N GLN B 49 -26.93 21.30 6.03
CA GLN B 49 -27.37 20.47 4.92
C GLN B 49 -26.19 19.83 4.19
N ARG B 50 -25.15 20.62 3.91
CA ARG B 50 -23.92 20.10 3.31
C ARG B 50 -23.21 19.08 4.21
N GLN B 51 -23.18 19.35 5.51
CA GLN B 51 -22.55 18.44 6.49
C GLN B 51 -23.13 17.03 6.37
N LYS B 52 -24.45 16.94 6.28
CA LYS B 52 -25.14 15.66 6.09
C LYS B 52 -24.68 14.98 4.80
N LYS B 53 -24.66 15.75 3.71
CA LYS B 53 -24.24 15.24 2.39
C LYS B 53 -22.81 14.67 2.37
N VAL B 54 -21.89 15.40 3.00
CA VAL B 54 -20.47 15.07 2.94
C VAL B 54 -19.98 14.02 3.96
N THR B 55 -20.88 13.59 4.84
CA THR B 55 -20.54 12.71 5.95
C THR B 55 -21.01 11.29 5.68
N PHE B 56 -20.06 10.40 5.41
CA PHE B 56 -20.37 8.98 5.17
C PHE B 56 -19.16 8.07 5.38
N ASP B 57 -19.43 6.78 5.51
CA ASP B 57 -18.40 5.77 5.68
C ASP B 57 -17.74 5.49 4.33
N ARG B 58 -16.43 5.29 4.33
CA ARG B 58 -15.71 4.91 3.12
C ARG B 58 -15.13 3.52 3.31
N LEU B 59 -15.44 2.64 2.36
CA LEU B 59 -14.87 1.31 2.29
C LEU B 59 -14.03 1.30 1.02
N GLN B 60 -12.89 0.63 1.09
CA GLN B 60 -11.97 0.59 -0.02
C GLN B 60 -11.45 -0.82 -0.21
N VAL B 61 -11.57 -1.32 -1.44
CA VAL B 61 -11.08 -2.62 -1.84
C VAL B 61 -10.12 -2.44 -3.02
N LEU B 62 -8.84 -2.76 -2.81
CA LEU B 62 -7.80 -2.44 -3.76
C LEU B 62 -7.20 -3.71 -4.38
N ASP B 63 -7.26 -3.77 -5.70
CA ASP B 63 -6.86 -4.94 -6.48
C ASP B 63 -5.56 -4.71 -7.25
N ASP B 64 -5.17 -5.69 -8.05
CA ASP B 64 -3.90 -5.66 -8.77
C ASP B 64 -3.87 -4.54 -9.83
N HIS B 65 -4.99 -4.27 -10.47
CA HIS B 65 -5.06 -3.13 -11.42
C HIS B 65 -4.66 -1.82 -10.75
N TYR B 66 -5.19 -1.59 -9.55
CA TYR B 66 -4.86 -0.41 -8.77
C TYR B 66 -3.36 -0.34 -8.47
N ARG B 67 -2.80 -1.45 -7.98
CA ARG B 67 -1.37 -1.48 -7.64
C ARG B 67 -0.46 -1.40 -8.87
N ASP B 68 -0.86 -2.01 -9.99
CA ASP B 68 -0.14 -1.90 -11.27
C ASP B 68 -0.04 -0.45 -11.78
N VAL B 69 -1.18 0.26 -11.78
CA VAL B 69 -1.19 1.64 -12.21
C VAL B 69 -0.31 2.49 -11.26
N LEU B 70 -0.46 2.28 -9.96
CA LEU B 70 0.32 3.03 -8.98
C LEU B 70 1.84 2.87 -9.21
N LYS B 71 2.26 1.64 -9.46
CA LYS B 71 3.67 1.36 -9.69
C LYS B 71 4.20 2.13 -10.92
N GLU B 72 3.39 2.19 -11.98
CA GLU B 72 3.74 2.94 -13.19
C GLU B 72 3.84 4.43 -12.90
N MET B 73 2.90 4.93 -12.10
CA MET B 73 2.89 6.34 -11.70
C MET B 73 4.13 6.68 -10.89
N LYS B 74 4.50 5.80 -9.96
CA LYS B 74 5.68 6.00 -9.15
C LYS B 74 6.98 6.00 -9.98
N ALA B 75 7.01 5.17 -11.02
CA ALA B 75 8.20 5.10 -11.90
C ALA B 75 8.43 6.43 -12.62
N LYS B 76 7.35 7.07 -13.04
CA LYS B 76 7.43 8.40 -13.65
C LYS B 76 7.76 9.48 -12.61
N ALA B 77 7.15 9.40 -11.44
CA ALA B 77 7.45 10.33 -10.34
C ALA B 77 8.93 10.31 -9.95
N SER B 78 9.53 9.13 -10.03
CA SER B 78 10.95 8.98 -9.71
C SER B 78 11.89 9.75 -10.65
N THR B 79 11.40 10.24 -11.79
CA THR B 79 12.22 11.07 -12.69
C THR B 79 12.15 12.55 -12.34
N VAL B 80 11.25 12.94 -11.44
CA VAL B 80 11.05 14.34 -11.09
C VAL B 80 12.05 14.80 -10.03
N LYS B 81 12.66 15.96 -10.27
CA LYS B 81 13.48 16.65 -9.29
C LYS B 81 12.79 17.97 -8.93
N ALA B 82 12.48 18.12 -7.65
CA ALA B 82 11.76 19.28 -7.17
C ALA B 82 12.62 20.01 -6.13
N LYS B 83 12.47 21.33 -6.12
CA LYS B 83 13.26 22.18 -5.24
C LYS B 83 12.40 22.72 -4.10
N LEU B 84 13.09 23.04 -3.01
CA LEU B 84 12.52 23.72 -1.90
C LEU B 84 12.44 25.21 -2.23
N LEU B 85 11.27 25.83 -2.04
CA LEU B 85 11.17 27.29 -2.15
C LEU B 85 11.71 27.93 -0.87
N SER B 86 12.39 29.06 -1.05
CA SER B 86 12.76 29.90 0.08
C SER B 86 11.49 30.52 0.68
N VAL B 87 11.63 31.01 1.91
CA VAL B 87 10.53 31.73 2.57
C VAL B 87 10.04 32.88 1.69
N GLU B 88 10.99 33.64 1.14
CA GLU B 88 10.71 34.81 0.29
C GLU B 88 9.93 34.44 -0.96
N GLU B 89 10.37 33.39 -1.63
CA GLU B 89 9.65 32.89 -2.81
C GLU B 89 8.22 32.50 -2.47
N ALA B 90 8.04 31.75 -1.37
CA ALA B 90 6.73 31.30 -0.95
C ALA B 90 5.85 32.48 -0.52
N CYS B 91 6.44 33.42 0.20
CA CYS B 91 5.74 34.68 0.57
C CYS B 91 5.15 35.42 -0.63
N LYS B 92 5.93 35.55 -1.70
CA LYS B 92 5.48 36.22 -2.94
C LYS B 92 4.36 35.49 -3.72
N LEU B 93 4.16 34.19 -3.42
CA LEU B 93 3.03 33.43 -3.98
C LEU B 93 1.73 33.59 -3.18
N THR B 94 1.79 34.29 -2.05
CA THR B 94 0.61 34.48 -1.21
C THR B 94 -0.28 35.62 -1.75
N PRO B 95 -1.58 35.36 -1.95
CA PRO B 95 -2.52 36.42 -2.38
C PRO B 95 -2.60 37.58 -1.38
N PRO B 96 -2.64 38.83 -1.86
CA PRO B 96 -2.81 40.00 -1.00
C PRO B 96 -3.95 39.90 0.00
N HIS B 97 -5.08 39.31 -0.41
CA HIS B 97 -6.27 39.21 0.46
C HIS B 97 -6.48 37.83 1.10
N SER B 98 -5.40 37.03 1.16
CA SER B 98 -5.43 35.73 1.79
C SER B 98 -5.71 35.90 3.29
N ALA B 99 -6.44 34.96 3.87
CA ALA B 99 -6.85 35.04 5.28
C ALA B 99 -5.67 35.25 6.23
N LYS B 100 -5.78 36.25 7.10
CA LYS B 100 -4.71 36.57 8.05
C LYS B 100 -4.43 35.43 9.04
N SER B 101 -3.23 35.44 9.61
CA SER B 101 -2.87 34.45 10.62
C SER B 101 -3.59 34.75 11.94
N LYS B 102 -3.78 33.70 12.74
CA LYS B 102 -4.20 33.83 14.11
C LYS B 102 -3.08 34.39 15.00
N TYR B 103 -1.83 34.39 14.51
CA TYR B 103 -0.66 34.79 15.32
C TYR B 103 -0.13 36.20 15.02
N GLY B 104 -1.02 37.12 14.70
CA GLY B 104 -0.71 38.54 14.70
C GLY B 104 -0.08 39.11 13.44
N TYR B 105 -0.34 38.49 12.29
CA TYR B 105 0.06 39.06 11.00
C TYR B 105 -0.88 38.59 9.89
N GLY B 106 -0.80 39.27 8.75
CA GLY B 106 -1.66 39.02 7.61
C GLY B 106 -0.90 38.81 6.31
N ALA B 107 -1.65 38.66 5.23
CA ALA B 107 -1.08 38.37 3.93
C ALA B 107 -0.17 39.48 3.41
N LYS B 108 -0.53 40.74 3.66
CA LYS B 108 0.31 41.88 3.26
C LYS B 108 1.65 41.88 4.01
N ASP B 109 1.62 41.50 5.29
CA ASP B 109 2.84 41.34 6.08
C ASP B 109 3.74 40.25 5.49
N VAL B 110 3.13 39.11 5.16
CA VAL B 110 3.81 38.00 4.45
C VAL B 110 4.46 38.51 3.16
N ARG B 111 3.66 39.17 2.32
CA ARG B 111 4.15 39.66 1.03
C ARG B 111 5.28 40.69 1.15
N ASN B 112 5.26 41.47 2.23
CA ASN B 112 6.34 42.45 2.50
C ASN B 112 7.55 41.87 3.24
N LEU B 113 7.54 40.58 3.56
CA LEU B 113 8.61 39.94 4.32
C LEU B 113 8.83 40.61 5.68
N SER B 114 7.73 41.01 6.32
CA SER B 114 7.83 41.63 7.65
C SER B 114 8.46 40.64 8.61
N SER B 115 9.28 41.14 9.53
CA SER B 115 10.04 40.28 10.43
C SER B 115 9.16 39.42 11.32
N ARG B 116 8.01 39.93 11.75
CA ARG B 116 7.07 39.13 12.57
C ARG B 116 6.56 37.91 11.79
N ALA B 117 6.11 38.17 10.56
CA ALA B 117 5.60 37.13 9.67
C ALA B 117 6.65 36.08 9.38
N VAL B 118 7.80 36.52 8.89
CA VAL B 118 8.91 35.63 8.52
C VAL B 118 9.40 34.81 9.73
N ASN B 119 9.50 35.45 10.90
CA ASN B 119 9.90 34.74 12.13
C ASN B 119 8.92 33.61 12.50
N HIS B 120 7.62 33.91 12.43
CA HIS B 120 6.62 32.88 12.70
C HIS B 120 6.68 31.72 11.69
N ILE B 121 6.80 32.07 10.40
CA ILE B 121 6.93 31.08 9.33
C ILE B 121 8.11 30.13 9.57
N HIS B 122 9.26 30.71 9.94
CA HIS B 122 10.42 29.91 10.32
C HIS B 122 10.13 28.97 11.51
N SER B 123 9.38 29.45 12.49
CA SER B 123 9.00 28.61 13.65
C SER B 123 8.03 27.48 13.25
N VAL B 124 7.09 27.76 12.34
CA VAL B 124 6.18 26.73 11.83
C VAL B 124 6.96 25.63 11.07
N TRP B 125 7.88 26.06 10.21
CA TRP B 125 8.75 25.15 9.46
C TRP B 125 9.57 24.24 10.37
N LYS B 126 10.26 24.84 11.33
CA LYS B 126 11.05 24.11 12.31
C LYS B 126 10.19 23.06 13.04
N ASP B 127 8.99 23.47 13.45
CA ASP B 127 8.04 22.55 14.09
C ASP B 127 7.62 21.37 13.15
N LEU B 128 7.43 21.64 11.86
CA LEU B 128 7.13 20.56 10.90
C LEU B 128 8.29 19.56 10.83
N LEU B 129 9.51 20.07 10.82
CA LEU B 129 10.69 19.21 10.77
C LEU B 129 10.84 18.36 12.03
N GLU B 130 10.48 18.91 13.17
CA GLU B 130 10.73 18.26 14.47
C GLU B 130 9.56 17.41 14.98
N ASP B 131 8.34 17.69 14.52
CA ASP B 131 7.14 16.99 14.96
C ASP B 131 6.39 16.44 13.72
N THR B 132 6.22 15.11 13.67
CA THR B 132 5.50 14.43 12.58
C THR B 132 4.17 13.76 13.03
N VAL B 133 3.66 14.14 14.20
CA VAL B 133 2.48 13.46 14.80
C VAL B 133 1.30 14.38 15.14
N THR B 134 1.55 15.59 15.64
CA THR B 134 0.51 16.42 16.22
C THR B 134 -0.43 17.00 15.14
N PRO B 135 -1.73 16.68 15.20
CA PRO B 135 -2.62 17.24 14.16
C PRO B 135 -2.62 18.75 14.15
N ILE B 136 -2.61 19.30 12.94
CA ILE B 136 -2.57 20.73 12.73
C ILE B 136 -4.01 21.25 12.65
N ASP B 137 -4.27 22.36 13.33
CA ASP B 137 -5.60 22.91 13.33
C ASP B 137 -6.01 23.37 11.92
N THR B 138 -7.31 23.30 11.65
CA THR B 138 -7.89 23.88 10.44
C THR B 138 -9.15 24.65 10.79
N THR B 139 -9.45 25.64 9.95
CA THR B 139 -10.69 26.38 10.01
C THR B 139 -11.64 25.84 8.94
N ILE B 140 -12.89 25.63 9.32
CA ILE B 140 -13.96 25.24 8.39
C ILE B 140 -14.95 26.41 8.20
N MET B 141 -15.21 26.77 6.95
CA MET B 141 -16.11 27.88 6.59
C MET B 141 -17.06 27.46 5.48
N ALA B 142 -18.22 28.12 5.46
CA ALA B 142 -19.15 28.00 4.37
C ALA B 142 -18.78 29.00 3.26
N LYS B 143 -18.69 28.52 2.01
CA LYS B 143 -18.45 29.39 0.87
C LYS B 143 -19.71 30.18 0.49
N ASN B 144 -19.51 31.45 0.14
CA ASN B 144 -20.56 32.29 -0.43
C ASN B 144 -20.40 32.30 -1.94
N GLU B 145 -21.23 31.52 -2.63
CA GLU B 145 -21.20 31.44 -4.10
C GLU B 145 -22.60 31.69 -4.67
N VAL B 146 -22.64 32.36 -5.82
CA VAL B 146 -23.91 32.74 -6.46
C VAL B 146 -24.35 31.75 -7.54
N PHE B 147 -25.65 31.45 -7.54
CA PHE B 147 -26.26 30.55 -8.53
C PHE B 147 -27.64 31.05 -8.94
N CYS B 148 -28.18 30.42 -9.98
CA CYS B 148 -29.60 30.56 -10.35
C CYS B 148 -30.39 29.39 -9.73
N VAL B 149 -31.62 29.66 -9.32
CA VAL B 149 -32.51 28.61 -8.82
C VAL B 149 -32.79 27.59 -9.92
N GLN B 150 -32.94 26.32 -9.55
CA GLN B 150 -33.17 25.22 -10.52
C GLN B 150 -34.59 24.63 -10.37
N PRO B 151 -35.14 24.17 -11.48
CA PRO B 151 -36.47 23.55 -11.50
C PRO B 151 -36.43 22.13 -10.93
N ARG B 156 -32.53 25.17 -4.22
CA ARG B 156 -31.25 25.81 -3.91
C ARG B 156 -30.18 24.82 -3.47
N LYS B 157 -28.94 25.06 -3.92
CA LYS B 157 -27.78 24.26 -3.55
C LYS B 157 -27.30 24.72 -2.17
N PRO B 158 -26.94 23.77 -1.27
CA PRO B 158 -26.36 24.21 0.00
C PRO B 158 -24.91 24.67 -0.18
N ALA B 159 -24.41 25.45 0.77
CA ALA B 159 -23.04 25.98 0.68
C ALA B 159 -22.02 24.85 0.61
N ARG B 160 -20.99 25.05 -0.20
CA ARG B 160 -19.80 24.21 -0.16
C ARG B 160 -18.97 24.61 1.06
N LEU B 161 -18.21 23.65 1.60
CA LEU B 161 -17.37 23.89 2.78
C LEU B 161 -15.91 23.97 2.37
N ILE B 162 -15.19 24.90 2.97
CA ILE B 162 -13.76 25.07 2.72
C ILE B 162 -13.06 24.82 4.05
N VAL B 163 -12.01 24.00 3.99
CA VAL B 163 -11.21 23.63 5.15
C VAL B 163 -9.76 24.01 4.86
N PHE B 164 -9.19 24.86 5.71
CA PHE B 164 -7.85 25.40 5.47
C PHE B 164 -7.07 25.65 6.78
N PRO B 165 -5.73 25.46 6.74
CA PRO B 165 -4.91 25.77 7.91
C PRO B 165 -4.49 27.22 7.96
N ASP B 166 -3.82 27.58 9.05
CA ASP B 166 -3.33 28.95 9.26
C ASP B 166 -2.36 29.42 8.18
N LEU B 167 -2.33 30.73 7.98
CA LEU B 167 -1.42 31.37 7.00
C LEU B 167 0.04 30.90 7.09
N GLY B 168 0.59 30.81 8.29
CA GLY B 168 1.96 30.33 8.48
C GLY B 168 2.19 28.93 7.90
N VAL B 169 1.23 28.04 8.15
CA VAL B 169 1.26 26.70 7.58
C VAL B 169 1.15 26.72 6.04
N ARG B 170 0.29 27.57 5.51
CA ARG B 170 0.09 27.66 4.06
C ARG B 170 1.36 28.08 3.32
N VAL B 171 2.13 28.99 3.92
CA VAL B 171 3.40 29.39 3.36
C VAL B 171 4.41 28.23 3.42
N CYS B 172 4.42 27.50 4.52
CA CYS B 172 5.24 26.29 4.63
C CYS B 172 4.88 25.21 3.60
N GLU B 173 3.60 25.02 3.31
CA GLU B 173 3.21 24.10 2.24
C GLU B 173 3.86 24.49 0.90
N LYS B 174 3.86 25.78 0.60
CA LYS B 174 4.48 26.29 -0.64
C LYS B 174 5.97 25.96 -0.68
N MET B 175 6.63 26.14 0.45
CA MET B 175 8.06 25.87 0.55
C MET B 175 8.37 24.42 0.22
N ALA B 176 7.61 23.52 0.84
CA ALA B 176 7.79 22.08 0.69
C ALA B 176 7.31 21.54 -0.66
N LEU B 177 6.16 22.03 -1.15
CA LEU B 177 5.40 21.35 -2.21
C LEU B 177 5.05 22.14 -3.47
N TYR B 178 5.29 23.46 -3.49
CA TYR B 178 4.86 24.24 -4.67
C TYR B 178 5.50 23.73 -5.96
N ASP B 179 6.81 23.52 -5.92
CA ASP B 179 7.51 23.01 -7.08
C ASP B 179 7.04 21.58 -7.45
N VAL B 180 6.74 20.77 -6.43
CA VAL B 180 6.24 19.41 -6.65
C VAL B 180 4.87 19.41 -7.36
N VAL B 181 3.92 20.12 -6.78
CA VAL B 181 2.56 20.15 -7.37
C VAL B 181 2.53 20.85 -8.72
N SER B 182 3.54 21.67 -9.01
CA SER B 182 3.65 22.38 -10.29
C SER B 182 4.23 21.51 -11.41
N THR B 183 5.13 20.59 -11.08
CA THR B 183 5.88 19.81 -12.09
C THR B 183 5.53 18.32 -12.17
N LEU B 184 5.12 17.71 -11.06
CA LEU B 184 4.95 16.26 -11.01
C LEU B 184 3.75 15.72 -11.82
N PRO B 185 2.57 16.38 -11.72
CA PRO B 185 1.39 15.84 -12.41
C PRO B 185 1.56 15.63 -13.91
N GLN B 186 2.15 16.59 -14.60
CA GLN B 186 2.37 16.44 -16.03
C GLN B 186 3.34 15.29 -16.35
N VAL B 187 4.34 15.09 -15.51
CA VAL B 187 5.30 14.01 -15.72
C VAL B 187 4.61 12.67 -15.49
N VAL B 188 3.80 12.57 -14.45
CA VAL B 188 3.16 11.29 -14.10
C VAL B 188 2.01 10.93 -15.05
N MET B 189 1.21 11.93 -15.42
CA MET B 189 -0.02 11.68 -16.19
C MET B 189 0.07 12.03 -17.69
N GLY B 190 1.19 12.65 -18.10
CA GLY B 190 1.44 13.02 -19.49
C GLY B 190 0.35 13.93 -20.05
N SER B 191 -0.13 13.59 -21.26
CA SER B 191 -1.17 14.37 -21.91
C SER B 191 -2.53 14.32 -21.19
N SER B 192 -2.72 13.36 -20.29
CA SER B 192 -3.96 13.29 -19.50
C SER B 192 -4.14 14.38 -18.43
N TYR B 193 -3.06 15.06 -18.08
CA TYR B 193 -3.12 16.11 -17.06
C TYR B 193 -3.71 17.39 -17.64
N GLY B 194 -4.95 17.67 -17.25
CA GLY B 194 -5.76 18.69 -17.90
C GLY B 194 -5.30 20.12 -17.73
N PHE B 195 -4.74 20.44 -16.57
CA PHE B 195 -4.34 21.82 -16.25
C PHE B 195 -3.14 22.34 -17.05
N GLN B 196 -2.46 21.47 -17.79
CA GLN B 196 -1.36 21.92 -18.64
C GLN B 196 -1.83 22.72 -19.87
N TYR B 197 -3.10 22.60 -20.23
CA TYR B 197 -3.61 23.18 -21.46
C TYR B 197 -4.26 24.54 -21.23
N SER B 198 -4.05 25.45 -22.18
CA SER B 198 -4.92 26.60 -22.36
C SER B 198 -6.23 26.06 -22.92
N PRO B 199 -7.31 26.86 -22.91
CA PRO B 199 -8.57 26.38 -23.49
C PRO B 199 -8.43 25.97 -24.95
N GLY B 200 -7.65 26.73 -25.72
CA GLY B 200 -7.40 26.43 -27.13
C GLY B 200 -6.67 25.11 -27.31
N GLN B 201 -5.64 24.90 -26.51
CA GLN B 201 -4.91 23.60 -26.49
C GLN B 201 -5.78 22.43 -26.03
N ARG B 202 -6.63 22.69 -25.04
CA ARG B 202 -7.52 21.65 -24.52
C ARG B 202 -8.48 21.17 -25.60
N VAL B 203 -9.15 22.14 -26.23
CA VAL B 203 -10.06 21.85 -27.33
C VAL B 203 -9.39 21.07 -28.48
N GLU B 204 -8.17 21.47 -28.84
CA GLU B 204 -7.38 20.79 -29.87
C GLU B 204 -7.09 19.34 -29.46
N PHE B 205 -6.69 19.14 -28.21
CA PHE B 205 -6.41 17.81 -27.70
C PHE B 205 -7.64 16.89 -27.71
N LEU B 206 -8.78 17.43 -27.32
CA LEU B 206 -10.03 16.67 -27.31
C LEU B 206 -10.46 16.24 -28.70
N VAL B 207 -10.44 17.20 -29.64
CA VAL B 207 -10.79 16.93 -31.04
C VAL B 207 -9.86 15.88 -31.63
N ASN B 208 -8.55 16.06 -31.48
CA ASN B 208 -7.56 15.10 -31.99
C ASN B 208 -7.71 13.71 -31.38
N THR B 209 -8.00 13.67 -30.08
CA THR B 209 -8.20 12.41 -29.36
C THR B 209 -9.44 11.69 -29.86
N TRP B 210 -10.52 12.44 -30.06
CA TRP B 210 -11.75 11.87 -30.62
C TRP B 210 -11.53 11.27 -32.01
N LYS B 211 -10.82 12.02 -32.86
CA LYS B 211 -10.51 11.58 -34.23
C LYS B 211 -9.53 10.40 -34.29
N SER B 212 -8.68 10.26 -33.27
CA SER B 212 -7.73 9.15 -33.20
C SER B 212 -8.36 7.76 -33.02
N LYS B 213 -9.64 7.69 -32.60
CA LYS B 213 -10.33 6.40 -32.46
C LYS B 213 -11.05 6.04 -33.76
N LYS B 214 -11.05 4.76 -34.12
CA LYS B 214 -11.80 4.25 -35.27
C LYS B 214 -13.31 4.46 -35.11
N ASN B 215 -13.84 3.99 -33.99
CA ASN B 215 -15.25 4.18 -33.63
C ASN B 215 -15.34 4.80 -32.23
N PRO B 216 -15.22 6.14 -32.14
CA PRO B 216 -15.05 6.76 -30.82
C PRO B 216 -16.27 6.66 -29.91
N MET B 217 -16.00 6.43 -28.63
CA MET B 217 -16.98 6.56 -27.57
C MET B 217 -16.32 7.32 -26.44
N GLY B 218 -17.11 8.12 -25.75
CA GLY B 218 -16.60 8.89 -24.64
C GLY B 218 -17.63 9.10 -23.56
N PHE B 219 -17.14 9.34 -22.35
CA PHE B 219 -18.02 9.64 -21.23
C PHE B 219 -17.33 10.47 -20.17
N SER B 220 -18.13 11.25 -19.45
CA SER B 220 -17.69 11.94 -18.25
C SER B 220 -18.05 11.07 -17.05
N TYR B 221 -17.23 11.11 -16.01
CA TYR B 221 -17.52 10.42 -14.75
C TYR B 221 -17.34 11.43 -13.64
N ASP B 222 -18.43 11.72 -12.92
CA ASP B 222 -18.41 12.72 -11.85
C ASP B 222 -18.71 12.04 -10.53
N THR B 223 -17.69 11.97 -9.69
CA THR B 223 -17.76 11.27 -8.41
C THR B 223 -18.60 12.10 -7.48
N ARG B 224 -19.45 11.44 -6.69
CA ARG B 224 -20.26 12.14 -5.70
C ARG B 224 -19.36 12.57 -4.55
N CYS B 225 -19.30 13.89 -4.30
CA CYS B 225 -18.58 14.42 -3.16
CA CYS B 225 -18.56 14.43 -3.15
C CYS B 225 -17.14 13.88 -3.09
N PHE B 226 -16.36 14.14 -4.14
CA PHE B 226 -15.04 13.54 -4.31
C PHE B 226 -14.14 13.72 -3.08
N ASP B 227 -14.06 14.93 -2.56
CA ASP B 227 -13.21 15.20 -1.40
C ASP B 227 -13.51 14.26 -0.25
N SER B 228 -14.79 14.02 0.01
CA SER B 228 -15.18 13.09 1.08
C SER B 228 -14.88 11.62 0.80
N THR B 229 -14.76 11.26 -0.48
CA THR B 229 -14.40 9.91 -0.88
C THR B 229 -12.92 9.60 -0.70
N VAL B 230 -12.10 10.65 -0.54
CA VAL B 230 -10.67 10.48 -0.41
C VAL B 230 -10.34 9.96 0.99
N THR B 231 -9.68 8.82 1.03
CA THR B 231 -9.38 8.13 2.30
C THR B 231 -7.98 8.39 2.80
N GLU B 232 -7.68 7.92 4.01
CA GLU B 232 -6.33 7.96 4.55
C GLU B 232 -5.37 7.23 3.63
N ASN B 233 -5.75 6.04 3.17
CA ASN B 233 -4.98 5.30 2.19
C ASN B 233 -4.63 6.16 0.98
N ASP B 234 -5.63 6.85 0.44
CA ASP B 234 -5.44 7.65 -0.78
C ASP B 234 -4.41 8.76 -0.53
N ILE B 235 -4.47 9.37 0.64
CA ILE B 235 -3.61 10.49 0.98
C ILE B 235 -2.18 10.00 1.28
N ARG B 236 -2.04 8.82 1.91
CA ARG B 236 -0.73 8.18 2.05
C ARG B 236 -0.13 7.74 0.70
N VAL B 237 -0.97 7.24 -0.20
CA VAL B 237 -0.49 6.86 -1.54
C VAL B 237 0.02 8.07 -2.31
N GLU B 238 -0.72 9.18 -2.24
CA GLU B 238 -0.27 10.47 -2.79
C GLU B 238 1.07 10.86 -2.25
N GLU B 239 1.23 10.79 -0.93
CA GLU B 239 2.51 11.09 -0.33
C GLU B 239 3.62 10.21 -0.90
N SER B 240 3.35 8.91 -1.04
CA SER B 240 4.38 7.97 -1.54
C SER B 240 4.81 8.35 -2.96
N ILE B 241 3.88 8.89 -3.75
CA ILE B 241 4.19 9.41 -5.08
C ILE B 241 5.13 10.64 -5.00
N TYR B 242 4.77 11.61 -4.18
CA TYR B 242 5.63 12.79 -3.95
C TYR B 242 7.03 12.40 -3.48
N GLN B 243 7.10 11.41 -2.58
CA GLN B 243 8.38 10.94 -2.05
C GLN B 243 9.29 10.23 -3.07
N CYS B 244 8.73 9.81 -4.21
CA CYS B 244 9.54 9.31 -5.33
C CYS B 244 10.45 10.35 -5.96
N CYS B 245 10.08 11.61 -5.85
CA CYS B 245 10.88 12.71 -6.39
C CYS B 245 12.27 12.79 -5.78
N ASP B 246 13.20 13.36 -6.54
CA ASP B 246 14.48 13.78 -6.02
C ASP B 246 14.20 15.08 -5.27
N LEU B 247 14.34 15.04 -3.94
CA LEU B 247 13.98 16.15 -3.03
C LEU B 247 15.11 16.50 -2.06
N ALA B 248 15.12 17.76 -1.62
CA ALA B 248 15.96 18.17 -0.48
C ALA B 248 15.50 17.41 0.78
N PRO B 249 16.45 16.99 1.65
CA PRO B 249 16.05 16.24 2.85
C PRO B 249 15.01 16.95 3.72
N GLU B 250 15.14 18.28 3.82
CA GLU B 250 14.16 19.06 4.60
C GLU B 250 12.79 18.99 3.97
N ALA B 251 12.72 19.05 2.63
CA ALA B 251 11.47 18.88 1.91
C ALA B 251 10.81 17.54 2.20
N ARG B 252 11.58 16.45 2.15
CA ARG B 252 11.08 15.12 2.47
C ARG B 252 10.42 15.04 3.83
N GLN B 253 11.09 15.62 4.81
CA GLN B 253 10.59 15.62 6.18
C GLN B 253 9.31 16.45 6.29
N ALA B 254 9.30 17.63 5.69
CA ALA B 254 8.13 18.52 5.75
C ALA B 254 6.89 17.89 5.09
N ILE B 255 7.12 17.20 3.97
CA ILE B 255 6.05 16.53 3.23
C ILE B 255 5.45 15.39 4.07
N LYS B 256 6.32 14.60 4.70
CA LYS B 256 5.87 13.55 5.63
C LYS B 256 5.07 14.15 6.77
N SER B 257 5.61 15.21 7.37
CA SER B 257 4.97 15.91 8.48
C SER B 257 3.62 16.49 8.09
N LEU B 258 3.59 17.22 6.97
CA LEU B 258 2.35 17.79 6.46
C LEU B 258 1.32 16.69 6.19
N THR B 259 1.76 15.58 5.64
CA THR B 259 0.85 14.48 5.33
C THR B 259 0.23 13.92 6.60
N GLU B 260 1.06 13.57 7.58
CA GLU B 260 0.60 12.97 8.83
C GLU B 260 -0.28 13.91 9.63
N ARG B 261 0.09 15.19 9.63
CA ARG B 261 -0.48 16.17 10.54
C ARG B 261 -1.62 17.02 9.97
N LEU B 262 -1.66 17.15 8.65
CA LEU B 262 -2.63 18.02 7.98
C LEU B 262 -3.44 17.31 6.91
N TYR B 263 -2.76 16.70 5.93
CA TYR B 263 -3.46 16.16 4.76
C TYR B 263 -4.36 14.97 5.07
N ILE B 264 -3.91 14.06 5.92
CA ILE B 264 -4.71 12.88 6.25
C ILE B 264 -5.99 13.25 7.02
N GLY B 265 -5.91 14.31 7.82
CA GLY B 265 -7.04 14.68 8.66
C GLY B 265 -6.64 15.60 9.79
N GLY B 266 -7.64 15.99 10.58
CA GLY B 266 -7.41 16.84 11.73
C GLY B 266 -8.65 17.51 12.26
N PRO B 267 -8.51 18.23 13.39
CA PRO B 267 -9.66 18.88 14.02
C PRO B 267 -10.15 20.06 13.19
N LEU B 268 -11.44 20.34 13.29
CA LEU B 268 -12.09 21.41 12.56
C LEU B 268 -12.58 22.47 13.54
N THR B 269 -12.18 23.72 13.31
CA THR B 269 -12.55 24.85 14.14
C THR B 269 -13.33 25.87 13.32
N ASN B 270 -14.41 26.42 13.89
CA ASN B 270 -15.16 27.47 13.22
C ASN B 270 -14.48 28.83 13.36
N SER B 271 -15.05 29.83 12.71
CA SER B 271 -14.53 31.21 12.76
C SER B 271 -14.51 31.81 14.16
N LYS B 272 -15.40 31.34 15.04
CA LYS B 272 -15.45 31.78 16.43
C LYS B 272 -14.49 31.02 17.35
N GLY B 273 -13.73 30.06 16.81
CA GLY B 273 -12.75 29.30 17.60
C GLY B 273 -13.30 28.06 18.30
N GLN B 274 -14.53 27.66 17.99
CA GLN B 274 -15.14 26.47 18.61
C GLN B 274 -14.85 25.23 17.78
N ASN B 275 -14.63 24.12 18.46
CA ASN B 275 -14.37 22.84 17.82
C ASN B 275 -15.65 22.28 17.17
N CYS B 276 -15.61 22.15 15.85
CA CYS B 276 -16.74 21.66 15.07
C CYS B 276 -16.74 20.17 14.84
N GLY B 277 -15.57 19.55 14.93
CA GLY B 277 -15.46 18.12 14.74
C GLY B 277 -14.11 17.72 14.20
N TYR B 278 -14.10 16.70 13.35
CA TYR B 278 -12.86 16.08 12.88
C TYR B 278 -12.98 15.54 11.45
N ARG B 279 -11.93 15.76 10.67
CA ARG B 279 -11.88 15.39 9.24
C ARG B 279 -10.95 14.19 9.04
N ARG B 280 -11.39 13.22 8.22
CA ARG B 280 -10.59 12.06 7.79
C ARG B 280 -10.60 11.90 6.27
N CYS B 281 -10.76 13.02 5.57
CA CYS B 281 -10.83 13.05 4.12
C CYS B 281 -10.05 14.26 3.61
N ARG B 282 -10.10 14.49 2.31
CA ARG B 282 -9.38 15.60 1.70
C ARG B 282 -9.83 16.95 2.26
N ALA B 283 -8.86 17.78 2.65
CA ALA B 283 -9.11 19.18 2.93
C ALA B 283 -9.22 19.95 1.61
N SER B 284 -10.29 20.74 1.45
CA SER B 284 -10.53 21.47 0.20
C SER B 284 -9.60 22.65 0.00
N GLY B 285 -8.99 23.14 1.08
CA GLY B 285 -8.21 24.37 1.06
C GLY B 285 -6.76 24.20 1.46
N VAL B 286 -6.11 23.19 0.92
CA VAL B 286 -4.66 23.03 1.09
C VAL B 286 -3.99 23.02 -0.27
N LEU B 287 -2.67 23.19 -0.26
CA LEU B 287 -1.91 23.34 -1.50
C LEU B 287 -2.07 22.12 -2.42
N THR B 288 -2.11 20.94 -1.82
CA THR B 288 -2.14 19.68 -2.52
C THR B 288 -3.54 19.23 -2.96
N THR B 289 -4.58 20.03 -2.74
CA THR B 289 -5.95 19.63 -3.07
C THR B 289 -6.08 19.28 -4.57
N SER B 290 -5.63 20.17 -5.44
CA SER B 290 -5.77 19.96 -6.86
C SER B 290 -4.93 18.78 -7.36
N CYS B 291 -3.65 18.80 -7.05
CA CYS B 291 -2.73 17.76 -7.49
C CYS B 291 -3.11 16.38 -6.91
N GLY B 292 -3.39 16.34 -5.61
CA GLY B 292 -3.82 15.13 -4.94
C GLY B 292 -5.09 14.56 -5.55
N ASN B 293 -6.11 15.40 -5.73
CA ASN B 293 -7.33 14.93 -6.39
C ASN B 293 -7.07 14.42 -7.80
N THR B 294 -6.23 15.13 -8.56
CA THR B 294 -5.96 14.74 -9.93
C THR B 294 -5.26 13.37 -9.97
N LEU B 295 -4.24 13.18 -9.14
CA LEU B 295 -3.50 11.94 -9.11
C LEU B 295 -4.39 10.78 -8.68
N THR B 296 -5.20 11.03 -7.66
CA THR B 296 -6.09 10.00 -7.11
C THR B 296 -7.18 9.62 -8.09
N CYS B 297 -7.79 10.61 -8.72
CA CYS B 297 -8.79 10.35 -9.74
C CYS B 297 -8.19 9.56 -10.90
N TYR B 298 -7.01 9.97 -11.36
CA TYR B 298 -6.30 9.31 -12.46
C TYR B 298 -5.98 7.85 -12.13
N LEU B 299 -5.46 7.64 -10.93
CA LEU B 299 -5.09 6.30 -10.45
C LEU B 299 -6.32 5.38 -10.44
N LYS B 300 -7.39 5.83 -9.77
CA LYS B 300 -8.61 5.03 -9.67
C LYS B 300 -9.24 4.77 -11.04
N ALA B 301 -9.32 5.82 -11.84
CA ALA B 301 -9.92 5.75 -13.20
C ALA B 301 -9.13 4.87 -14.15
N SER B 302 -7.80 4.99 -14.12
CA SER B 302 -6.95 4.16 -14.99
C SER B 302 -7.10 2.68 -14.67
N ALA B 303 -7.06 2.35 -13.38
CA ALA B 303 -7.30 0.98 -12.90
C ALA B 303 -8.71 0.48 -13.29
N ALA B 304 -9.70 1.35 -13.17
CA ALA B 304 -11.10 1.03 -13.52
C ALA B 304 -11.30 0.80 -15.02
N CYS B 305 -10.56 1.53 -15.86
CA CYS B 305 -10.55 1.28 -17.31
C CYS B 305 -10.07 -0.15 -17.61
N ARG B 306 -9.03 -0.58 -16.88
CA ARG B 306 -8.46 -1.92 -17.05
C ARG B 306 -9.44 -2.98 -16.59
N ALA B 307 -10.10 -2.74 -15.46
CA ALA B 307 -11.15 -3.66 -14.96
C ALA B 307 -12.29 -3.81 -15.96
N ALA B 308 -12.70 -2.69 -16.58
CA ALA B 308 -13.78 -2.71 -17.58
C ALA B 308 -13.32 -3.14 -18.98
N LYS B 309 -12.02 -3.38 -19.16
CA LYS B 309 -11.45 -3.79 -20.45
C LYS B 309 -11.79 -2.84 -21.58
N LEU B 310 -11.80 -1.53 -21.29
CA LEU B 310 -12.04 -0.52 -22.30
C LEU B 310 -10.80 -0.45 -23.19
N GLN B 311 -11.00 -0.41 -24.51
CA GLN B 311 -9.91 -0.52 -25.48
C GLN B 311 -9.43 0.87 -25.90
N ASP B 312 -8.12 1.06 -25.87
CA ASP B 312 -7.46 2.24 -26.40
C ASP B 312 -7.98 3.52 -25.74
N CYS B 313 -7.92 3.52 -24.41
CA CYS B 313 -8.36 4.63 -23.58
C CYS B 313 -7.44 5.81 -23.65
N THR B 314 -8.02 7.00 -23.81
CA THR B 314 -7.33 8.26 -23.54
C THR B 314 -8.15 8.95 -22.46
N MET B 315 -7.51 9.22 -21.32
CA MET B 315 -8.17 9.93 -20.23
C MET B 315 -7.76 11.40 -20.22
N LEU B 316 -8.67 12.23 -19.74
CA LEU B 316 -8.41 13.61 -19.43
C LEU B 316 -8.93 13.89 -18.02
N VAL B 317 -8.03 14.33 -17.14
CA VAL B 317 -8.30 14.45 -15.72
C VAL B 317 -7.82 15.81 -15.22
N ASN B 318 -8.67 16.51 -14.49
CA ASN B 318 -8.27 17.71 -13.73
C ASN B 318 -9.07 17.83 -12.45
N GLY B 319 -8.38 17.75 -11.32
CA GLY B 319 -9.03 17.61 -10.02
C GLY B 319 -9.88 16.36 -10.04
N ASP B 320 -11.14 16.49 -9.66
CA ASP B 320 -12.07 15.36 -9.61
C ASP B 320 -12.85 15.16 -10.92
N ASP B 321 -12.60 16.02 -11.90
CA ASP B 321 -13.30 15.94 -13.18
C ASP B 321 -12.56 14.97 -14.11
N LEU B 322 -13.33 14.08 -14.73
CA LEU B 322 -12.79 12.99 -15.51
C LEU B 322 -13.59 12.76 -16.78
N VAL B 323 -12.88 12.69 -17.91
CA VAL B 323 -13.43 12.21 -19.17
C VAL B 323 -12.55 11.10 -19.72
N VAL B 324 -13.20 10.06 -20.23
CA VAL B 324 -12.52 8.96 -20.94
C VAL B 324 -13.06 8.94 -22.35
N ILE B 325 -12.14 8.90 -23.33
CA ILE B 325 -12.47 8.67 -24.74
C ILE B 325 -11.76 7.38 -25.15
N CYS B 326 -12.50 6.47 -25.79
CA CYS B 326 -11.99 5.13 -26.09
C CYS B 326 -12.68 4.52 -27.32
N GLU B 327 -12.28 3.30 -27.66
CA GLU B 327 -12.88 2.58 -28.79
C GLU B 327 -14.21 1.94 -28.40
N SER B 328 -15.25 2.20 -29.21
CA SER B 328 -16.56 1.59 -28.98
C SER B 328 -16.57 0.09 -29.33
N ALA B 329 -17.25 -0.69 -28.49
CA ALA B 329 -17.58 -2.10 -28.73
C ALA B 329 -19.08 -2.27 -29.07
N GLY B 330 -19.73 -1.17 -29.45
CA GLY B 330 -21.16 -1.14 -29.76
C GLY B 330 -21.95 -0.59 -28.59
N VAL B 331 -23.13 -0.03 -28.88
CA VAL B 331 -23.93 0.66 -27.87
C VAL B 331 -24.22 -0.19 -26.62
N GLN B 332 -24.67 -1.42 -26.83
CA GLN B 332 -25.08 -2.32 -25.75
C GLN B 332 -23.89 -2.79 -24.89
N GLU B 333 -22.78 -3.05 -25.56
CA GLU B 333 -21.57 -3.52 -24.89
C GLU B 333 -20.91 -2.37 -24.14
N ASP B 334 -20.86 -1.20 -24.78
CA ASP B 334 -20.33 0.01 -24.16
C ASP B 334 -21.07 0.29 -22.84
N ALA B 335 -22.40 0.21 -22.86
CA ALA B 335 -23.20 0.44 -21.66
C ALA B 335 -22.85 -0.55 -20.55
N ALA B 336 -22.66 -1.81 -20.91
CA ALA B 336 -22.22 -2.85 -19.96
C ALA B 336 -20.83 -2.54 -19.36
N SER B 337 -19.90 -2.15 -20.22
CA SER B 337 -18.51 -1.83 -19.80
C SER B 337 -18.46 -0.67 -18.81
N LEU B 338 -19.34 0.31 -19.01
CA LEU B 338 -19.42 1.47 -18.11
C LEU B 338 -19.92 1.08 -16.73
N ARG B 339 -20.84 0.12 -16.66
CA ARG B 339 -21.29 -0.38 -15.36
C ARG B 339 -20.15 -1.06 -14.61
N VAL B 340 -19.30 -1.77 -15.35
CA VAL B 340 -18.13 -2.43 -14.77
C VAL B 340 -17.13 -1.38 -14.29
N PHE B 341 -16.86 -0.39 -15.14
CA PHE B 341 -16.05 0.77 -14.78
C PHE B 341 -16.54 1.38 -13.47
N THR B 342 -17.84 1.66 -13.42
CA THR B 342 -18.49 2.23 -12.24
C THR B 342 -18.35 1.33 -11.00
N GLU B 343 -18.51 0.02 -11.18
CA GLU B 343 -18.34 -0.92 -10.06
C GLU B 343 -16.91 -0.87 -9.52
N ALA B 344 -15.93 -0.80 -10.41
CA ALA B 344 -14.53 -0.68 -10.01
C ALA B 344 -14.24 0.64 -9.25
N MET B 345 -14.69 1.75 -9.82
CA MET B 345 -14.55 3.06 -9.18
C MET B 345 -15.19 3.03 -7.80
N THR B 346 -16.37 2.43 -7.72
CA THR B 346 -17.07 2.31 -6.45
C THR B 346 -16.27 1.47 -5.46
N ARG B 347 -15.67 0.37 -5.90
CA ARG B 347 -14.78 -0.40 -4.99
C ARG B 347 -13.59 0.42 -4.50
N TYR B 348 -13.10 1.33 -5.33
CA TYR B 348 -12.02 2.24 -4.95
C TYR B 348 -12.49 3.44 -4.10
N SER B 349 -13.77 3.47 -3.74
CA SER B 349 -14.45 4.45 -2.91
C SER B 349 -15.06 5.63 -3.66
N ALA B 350 -15.05 5.63 -5.00
CA ALA B 350 -15.52 6.78 -5.77
C ALA B 350 -16.77 6.46 -6.61
N PRO B 351 -17.93 6.25 -5.97
CA PRO B 351 -19.15 6.06 -6.76
C PRO B 351 -19.57 7.35 -7.45
N PRO B 352 -20.37 7.26 -8.53
CA PRO B 352 -20.78 8.47 -9.23
C PRO B 352 -22.01 9.14 -8.63
N GLY B 353 -22.16 10.45 -8.87
CA GLY B 353 -23.39 11.15 -8.51
C GLY B 353 -24.53 10.62 -9.35
N ASP B 354 -24.36 10.68 -10.67
CA ASP B 354 -25.27 10.07 -11.64
C ASP B 354 -24.46 9.09 -12.50
N PRO B 355 -25.05 7.96 -12.90
CA PRO B 355 -24.23 6.97 -13.63
C PRO B 355 -23.70 7.54 -14.94
N PRO B 356 -22.49 7.14 -15.36
CA PRO B 356 -21.94 7.65 -16.61
C PRO B 356 -22.74 7.17 -17.83
N GLN B 357 -22.71 7.96 -18.90
CA GLN B 357 -23.42 7.64 -20.15
C GLN B 357 -22.45 7.64 -21.31
N PRO B 358 -22.42 6.55 -22.08
CA PRO B 358 -21.60 6.61 -23.28
C PRO B 358 -22.15 7.63 -24.28
N GLU B 359 -21.27 8.36 -24.95
CA GLU B 359 -21.65 9.31 -25.98
C GLU B 359 -20.85 9.04 -27.25
N TYR B 360 -21.51 9.22 -28.40
CA TYR B 360 -20.93 8.91 -29.70
C TYR B 360 -20.74 10.17 -30.54
N ASP B 361 -20.89 11.33 -29.89
CA ASP B 361 -20.53 12.60 -30.45
C ASP B 361 -19.84 13.40 -29.35
N LEU B 362 -18.67 13.95 -29.67
CA LEU B 362 -17.85 14.70 -28.72
C LEU B 362 -18.63 15.84 -28.05
N GLU B 363 -19.48 16.49 -28.86
CA GLU B 363 -20.25 17.65 -28.43
C GLU B 363 -21.30 17.33 -27.36
N LEU B 364 -21.68 16.07 -27.20
CA LEU B 364 -22.65 15.67 -26.17
C LEU B 364 -22.04 15.29 -24.81
N ILE B 365 -20.72 15.40 -24.67
CA ILE B 365 -20.07 15.15 -23.38
C ILE B 365 -19.97 16.46 -22.63
N THR B 366 -20.38 16.46 -21.38
CA THR B 366 -20.26 17.62 -20.52
C THR B 366 -19.31 17.29 -19.37
N SER B 367 -18.32 18.16 -19.17
CA SER B 367 -17.37 18.02 -18.06
C SER B 367 -16.86 19.39 -17.64
N CYS B 368 -16.70 19.61 -16.33
CA CYS B 368 -16.44 20.94 -15.78
C CYS B 368 -17.47 21.96 -16.32
N SER B 369 -18.73 21.53 -16.35
CA SER B 369 -19.87 22.30 -16.86
C SER B 369 -19.78 22.71 -18.34
N SER B 370 -18.79 22.20 -19.06
CA SER B 370 -18.46 22.67 -20.40
C SER B 370 -18.60 21.57 -21.45
N ASN B 371 -18.82 22.01 -22.68
CA ASN B 371 -18.91 21.14 -23.84
C ASN B 371 -18.22 21.79 -25.03
N VAL B 372 -17.79 20.95 -25.96
CA VAL B 372 -17.22 21.40 -27.21
C VAL B 372 -18.35 21.78 -28.17
N SER B 373 -18.19 22.91 -28.85
CA SER B 373 -19.10 23.33 -29.91
C SER B 373 -18.27 23.85 -31.08
N VAL B 374 -18.97 24.24 -32.15
CA VAL B 374 -18.31 24.66 -33.38
C VAL B 374 -18.86 25.99 -33.88
N ALA B 375 -17.96 26.82 -34.39
CA ALA B 375 -18.28 28.06 -35.07
C ALA B 375 -17.34 28.17 -36.26
N HIS B 376 -17.40 29.32 -36.96
CA HIS B 376 -16.54 29.55 -38.12
C HIS B 376 -15.77 30.85 -38.02
N ASP B 377 -14.52 30.83 -38.46
CA ASP B 377 -13.67 32.03 -38.47
C ASP B 377 -13.92 32.89 -39.72
N ALA B 378 -13.14 33.96 -39.89
CA ALA B 378 -13.31 34.91 -40.99
C ALA B 378 -13.33 34.27 -42.38
N SER B 379 -12.50 33.25 -42.60
CA SER B 379 -12.42 32.57 -43.89
C SER B 379 -13.43 31.42 -44.05
N GLY B 380 -14.27 31.18 -43.03
CA GLY B 380 -15.30 30.14 -43.09
C GLY B 380 -14.87 28.78 -42.54
N LYS B 381 -13.61 28.65 -42.15
CA LYS B 381 -13.07 27.40 -41.60
C LYS B 381 -13.70 27.10 -40.24
N ARG B 382 -13.95 25.81 -39.98
CA ARG B 382 -14.49 25.36 -38.69
C ARG B 382 -13.48 25.62 -37.56
N VAL B 383 -13.96 26.25 -36.49
CA VAL B 383 -13.18 26.41 -35.27
C VAL B 383 -13.97 25.77 -34.11
N TYR B 384 -13.29 24.90 -33.37
CA TYR B 384 -13.85 24.30 -32.17
C TYR B 384 -13.53 25.16 -30.96
N TYR B 385 -14.44 25.20 -30.01
CA TYR B 385 -14.24 25.97 -28.78
C TYR B 385 -15.06 25.38 -27.64
N LEU B 386 -14.61 25.65 -26.42
CA LEU B 386 -15.34 25.23 -25.21
C LEU B 386 -16.30 26.33 -24.75
N THR B 387 -17.53 25.89 -24.50
CA THR B 387 -18.60 26.76 -24.02
C THR B 387 -19.31 26.08 -22.85
N ARG B 388 -20.30 26.77 -22.33
CA ARG B 388 -21.15 26.24 -21.28
C ARG B 388 -22.48 26.94 -21.29
N ASP B 389 -23.40 26.43 -20.48
CA ASP B 389 -24.63 27.12 -20.20
C ASP B 389 -24.29 28.43 -19.47
N PRO B 390 -24.73 29.59 -20.00
CA PRO B 390 -24.34 30.87 -19.39
C PRO B 390 -25.12 31.28 -18.13
N THR B 391 -26.00 30.42 -17.63
CA THR B 391 -26.87 30.77 -16.49
C THR B 391 -26.10 31.20 -15.25
N THR B 392 -25.14 30.39 -14.80
CA THR B 392 -24.33 30.75 -13.63
C THR B 392 -23.44 31.98 -13.87
N PRO B 393 -22.69 32.02 -15.02
CA PRO B 393 -21.92 33.24 -15.33
C PRO B 393 -22.77 34.52 -15.32
N LEU B 394 -23.97 34.47 -15.88
CA LEU B 394 -24.85 35.64 -15.91
C LEU B 394 -25.40 36.01 -14.53
N ALA B 395 -25.74 35.00 -13.74
CA ALA B 395 -26.17 35.22 -12.37
C ALA B 395 -25.07 35.90 -11.54
N ARG B 396 -23.83 35.44 -11.70
CA ARG B 396 -22.70 36.03 -10.96
C ARG B 396 -22.35 37.43 -11.48
N ALA B 397 -22.46 37.62 -12.79
CA ALA B 397 -22.32 38.95 -13.40
C ALA B 397 -23.32 39.94 -12.81
N ALA B 398 -24.57 39.51 -12.64
CA ALA B 398 -25.60 40.33 -12.02
C ALA B 398 -25.23 40.76 -10.60
N TRP B 399 -24.70 39.82 -9.83
CA TRP B 399 -24.29 40.10 -8.46
C TRP B 399 -23.12 41.11 -8.46
N GLU B 400 -22.14 40.85 -9.31
CA GLU B 400 -20.94 41.67 -9.43
C GLU B 400 -21.22 43.06 -10.03
N THR B 401 -22.32 43.21 -10.75
CA THR B 401 -22.78 44.53 -11.22
C THR B 401 -23.16 45.45 -10.04
N ALA B 402 -23.72 44.86 -8.99
CA ALA B 402 -24.21 45.61 -7.82
C ALA B 402 -23.28 45.59 -6.61
N ARG B 403 -22.35 44.63 -6.55
CA ARG B 403 -21.47 44.45 -5.40
C ARG B 403 -20.04 44.21 -5.83
N HIS B 404 -19.09 44.86 -5.16
CA HIS B 404 -17.68 44.52 -5.34
C HIS B 404 -17.41 43.21 -4.62
N THR B 405 -16.74 42.29 -5.30
CA THR B 405 -16.48 40.96 -4.76
C THR B 405 -14.96 40.66 -4.86
N PRO B 406 -14.46 39.74 -4.01
CA PRO B 406 -13.02 39.44 -4.04
C PRO B 406 -12.60 38.85 -5.38
N VAL B 407 -13.42 37.96 -5.93
CA VAL B 407 -13.16 37.37 -7.22
C VAL B 407 -14.13 37.97 -8.24
N ASN B 408 -13.59 38.44 -9.35
CA ASN B 408 -14.40 38.94 -10.45
C ASN B 408 -14.65 37.81 -11.44
N SER B 409 -15.67 37.01 -11.16
CA SER B 409 -16.00 35.89 -12.04
C SER B 409 -16.21 36.33 -13.50
N TRP B 410 -16.77 37.53 -13.68
CA TRP B 410 -17.00 38.05 -15.03
C TRP B 410 -15.72 38.12 -15.86
N LEU B 411 -14.64 38.54 -15.22
CA LEU B 411 -13.36 38.71 -15.91
C LEU B 411 -12.75 37.35 -16.26
N GLY B 412 -12.77 36.44 -15.29
CA GLY B 412 -12.34 35.07 -15.52
C GLY B 412 -13.14 34.38 -16.62
N ASN B 413 -14.45 34.57 -16.61
CA ASN B 413 -15.31 34.04 -17.66
C ASN B 413 -15.00 34.61 -19.04
N ILE B 414 -14.76 35.91 -19.14
CA ILE B 414 -14.38 36.52 -20.42
C ILE B 414 -13.09 35.89 -20.92
N ILE B 415 -12.10 35.77 -20.05
CA ILE B 415 -10.83 35.17 -20.43
C ILE B 415 -11.00 33.71 -20.89
N MET B 416 -11.64 32.89 -20.07
CA MET B 416 -11.68 31.46 -20.33
C MET B 416 -12.72 31.07 -21.39
N TYR B 417 -13.78 31.88 -21.53
CA TYR B 417 -14.83 31.63 -22.50
C TYR B 417 -14.94 32.74 -23.57
N ALA B 418 -13.82 33.41 -23.84
CA ALA B 418 -13.73 34.46 -24.86
C ALA B 418 -14.31 34.14 -26.25
N PRO B 419 -14.14 32.90 -26.75
CA PRO B 419 -14.76 32.59 -28.07
C PRO B 419 -16.29 32.46 -28.07
N THR B 420 -16.93 32.38 -26.90
CA THR B 420 -18.35 32.10 -26.82
C THR B 420 -19.17 33.31 -27.22
N LEU B 421 -20.35 33.02 -27.74
CA LEU B 421 -21.28 34.06 -28.13
C LEU B 421 -21.69 34.92 -26.95
N TRP B 422 -21.98 34.25 -25.83
CA TRP B 422 -22.47 34.90 -24.61
C TRP B 422 -21.42 35.74 -23.89
N ALA B 423 -20.17 35.28 -23.82
CA ALA B 423 -19.10 36.08 -23.24
C ALA B 423 -18.81 37.33 -24.08
N ARG B 424 -18.83 37.18 -25.40
CA ARG B 424 -18.50 38.28 -26.28
C ARG B 424 -19.62 39.32 -26.31
N MET B 425 -20.86 38.86 -26.45
CA MET B 425 -21.99 39.78 -26.68
C MET B 425 -22.49 40.40 -25.40
N ILE B 426 -22.47 39.65 -24.30
CA ILE B 426 -23.05 40.12 -23.04
C ILE B 426 -22.01 40.60 -22.03
N LEU B 427 -21.08 39.71 -21.64
CA LEU B 427 -20.10 40.04 -20.60
C LEU B 427 -19.16 41.16 -21.01
N MET B 428 -18.61 41.07 -22.22
CA MET B 428 -17.70 42.10 -22.70
C MET B 428 -18.45 43.43 -22.78
N THR B 429 -19.64 43.41 -23.37
CA THR B 429 -20.41 44.64 -23.59
C THR B 429 -20.82 45.29 -22.26
N HIS B 430 -21.40 44.49 -21.38
CA HIS B 430 -21.87 44.98 -20.09
C HIS B 430 -20.74 45.57 -19.23
N PHE B 431 -19.64 44.85 -19.08
CA PHE B 431 -18.58 45.26 -18.16
C PHE B 431 -17.68 46.36 -18.71
N PHE B 432 -17.39 46.35 -20.02
CA PHE B 432 -16.66 47.48 -20.59
C PHE B 432 -17.44 48.80 -20.48
N SER B 433 -18.76 48.70 -20.60
CA SER B 433 -19.65 49.83 -20.39
C SER B 433 -19.52 50.39 -18.97
N ILE B 434 -19.51 49.49 -17.99
CA ILE B 434 -19.33 49.86 -16.58
C ILE B 434 -17.96 50.49 -16.35
N LEU B 435 -16.92 49.86 -16.89
CA LEU B 435 -15.55 50.36 -16.75
C LEU B 435 -15.35 51.73 -17.40
N LEU B 436 -15.96 51.93 -18.57
CA LEU B 436 -15.97 53.24 -19.24
C LEU B 436 -16.62 54.31 -18.37
N ALA B 437 -17.80 54.02 -17.82
CA ALA B 437 -18.52 54.98 -16.96
C ALA B 437 -17.75 55.40 -15.72
N GLN B 438 -17.00 54.47 -15.13
CA GLN B 438 -16.21 54.76 -13.95
C GLN B 438 -14.77 55.17 -14.27
N GLU B 439 -14.40 55.16 -15.55
CA GLU B 439 -13.01 55.37 -15.98
C GLU B 439 -12.04 54.44 -15.25
N GLN B 440 -12.39 53.15 -15.21
CA GLN B 440 -11.59 52.13 -14.52
C GLN B 440 -11.02 51.08 -15.48
N LEU B 441 -10.82 51.43 -16.74
CA LEU B 441 -10.26 50.49 -17.70
C LEU B 441 -8.85 50.02 -17.31
N GLU B 442 -8.07 50.94 -16.73
CA GLU B 442 -6.69 50.66 -16.36
C GLU B 442 -6.52 49.98 -14.98
N LYS B 443 -7.58 49.87 -14.20
CA LYS B 443 -7.48 49.32 -12.86
C LYS B 443 -7.39 47.79 -12.86
N ALA B 444 -6.30 47.25 -12.31
CA ALA B 444 -6.12 45.80 -12.21
C ALA B 444 -7.18 45.18 -11.29
N LEU B 445 -7.70 44.03 -11.70
CA LEU B 445 -8.73 43.33 -10.95
C LEU B 445 -8.31 41.90 -10.69
N ASP B 446 -8.77 41.37 -9.56
CA ASP B 446 -8.47 39.99 -9.16
C ASP B 446 -9.48 39.03 -9.80
N CYS B 447 -8.94 37.97 -10.39
CA CYS B 447 -9.76 36.89 -10.94
C CYS B 447 -9.03 35.56 -10.81
N GLN B 448 -9.74 34.49 -11.17
CA GLN B 448 -9.26 33.15 -10.94
C GLN B 448 -9.15 32.35 -12.23
N ILE B 449 -7.96 31.79 -12.48
CA ILE B 449 -7.71 30.90 -13.61
C ILE B 449 -7.13 29.58 -13.07
N TYR B 450 -7.91 28.51 -13.24
CA TYR B 450 -7.59 27.17 -12.71
C TYR B 450 -7.24 27.22 -11.22
N GLY B 451 -8.03 27.98 -10.44
CA GLY B 451 -7.82 28.08 -9.00
C GLY B 451 -6.80 29.10 -8.52
N ALA B 452 -5.85 29.47 -9.37
CA ALA B 452 -4.81 30.43 -9.00
C ALA B 452 -5.35 31.85 -9.20
N CYS B 453 -5.02 32.76 -8.28
CA CYS B 453 -5.47 34.15 -8.33
C CYS B 453 -4.54 34.98 -9.19
N TYR B 454 -5.13 35.77 -10.10
CA TYR B 454 -4.38 36.66 -10.98
C TYR B 454 -4.92 38.06 -10.87
N SER B 455 -4.00 39.03 -10.88
CA SER B 455 -4.35 40.44 -11.02
C SER B 455 -4.18 40.87 -12.46
N ILE B 456 -5.27 41.28 -13.10
CA ILE B 456 -5.30 41.53 -14.54
C ILE B 456 -5.99 42.87 -14.85
N GLU B 457 -5.38 43.65 -15.74
CA GLU B 457 -5.97 44.89 -16.23
C GLU B 457 -6.85 44.57 -17.43
N PRO B 458 -8.13 44.98 -17.38
CA PRO B 458 -9.04 44.74 -18.51
C PRO B 458 -8.49 45.17 -19.88
N LEU B 459 -7.70 46.25 -19.91
CA LEU B 459 -7.06 46.69 -21.16
C LEU B 459 -6.10 45.66 -21.79
N ASP B 460 -5.63 44.68 -21.03
CA ASP B 460 -4.76 43.62 -21.57
C ASP B 460 -5.52 42.42 -22.15
N LEU B 461 -6.86 42.44 -22.09
CA LEU B 461 -7.66 41.31 -22.57
C LEU B 461 -7.39 40.84 -24.01
N PRO B 462 -7.21 41.78 -24.98
CA PRO B 462 -6.96 41.31 -26.35
C PRO B 462 -5.75 40.38 -26.51
N GLN B 463 -4.64 40.76 -25.88
CA GLN B 463 -3.40 39.97 -25.87
C GLN B 463 -3.61 38.65 -25.17
N ILE B 464 -4.30 38.67 -24.02
CA ILE B 464 -4.58 37.46 -23.25
C ILE B 464 -5.46 36.51 -24.06
N ILE B 465 -6.50 37.06 -24.67
CA ILE B 465 -7.42 36.22 -25.44
C ILE B 465 -6.73 35.58 -26.64
N GLU B 466 -5.89 36.35 -27.33
CA GLU B 466 -5.15 35.86 -28.49
C GLU B 466 -4.27 34.65 -28.13
N ARG B 467 -3.61 34.72 -26.99
CA ARG B 467 -2.71 33.66 -26.56
C ARG B 467 -3.46 32.41 -26.11
N LEU B 468 -4.55 32.57 -25.37
CA LEU B 468 -5.32 31.42 -24.86
C LEU B 468 -6.20 30.75 -25.90
N HIS B 469 -6.63 31.52 -26.92
CA HIS B 469 -7.61 31.04 -27.89
C HIS B 469 -7.24 31.18 -29.36
N GLY B 470 -6.23 31.99 -29.68
CA GLY B 470 -5.94 32.35 -31.06
C GLY B 470 -6.74 33.54 -31.55
N LEU B 471 -6.27 34.13 -32.64
CA LEU B 471 -6.84 35.34 -33.21
C LEU B 471 -8.28 35.13 -33.70
N SER B 472 -8.62 33.89 -34.06
CA SER B 472 -9.98 33.53 -34.47
C SER B 472 -11.07 33.84 -33.43
N ALA B 473 -10.72 33.90 -32.15
CA ALA B 473 -11.67 34.25 -31.09
C ALA B 473 -12.37 35.63 -31.29
N PHE B 474 -11.75 36.52 -32.07
CA PHE B 474 -12.32 37.85 -32.38
C PHE B 474 -13.11 37.90 -33.68
N SER B 475 -13.20 36.79 -34.41
CA SER B 475 -13.94 36.75 -35.67
C SER B 475 -14.92 35.57 -35.82
N LEU B 476 -15.17 34.82 -34.73
CA LEU B 476 -16.07 33.67 -34.84
C LEU B 476 -17.49 34.11 -35.16
N HIS B 477 -18.15 33.35 -36.03
CA HIS B 477 -19.53 33.59 -36.41
C HIS B 477 -20.13 32.25 -36.82
N SER B 478 -21.40 32.27 -37.21
CA SER B 478 -22.12 31.04 -37.59
C SER B 478 -21.98 30.00 -36.49
N TYR B 479 -22.40 30.41 -35.29
CA TYR B 479 -22.46 29.54 -34.14
C TYR B 479 -23.53 28.47 -34.39
N SER B 480 -23.47 27.34 -33.69
CA SER B 480 -24.44 26.26 -33.91
C SER B 480 -25.86 26.67 -33.44
N PRO B 481 -26.92 26.11 -34.07
CA PRO B 481 -28.30 26.40 -33.63
C PRO B 481 -28.58 26.00 -32.18
N GLY B 482 -28.03 24.87 -31.75
CA GLY B 482 -28.14 24.41 -30.37
C GLY B 482 -27.52 25.36 -29.36
N GLU B 483 -26.32 25.88 -29.67
CA GLU B 483 -25.65 26.83 -28.78
C GLU B 483 -26.44 28.15 -28.71
N ILE B 484 -26.83 28.68 -29.87
CA ILE B 484 -27.67 29.89 -29.96
C ILE B 484 -28.96 29.74 -29.15
N ASN B 485 -29.63 28.60 -29.33
CA ASN B 485 -30.90 28.34 -28.62
CA ASN B 485 -30.89 28.31 -28.62
C ASN B 485 -30.71 28.26 -27.11
N ARG B 486 -29.64 27.63 -26.65
CA ARG B 486 -29.36 27.56 -25.20
C ARG B 486 -29.17 28.95 -24.60
N VAL B 487 -28.40 29.78 -25.29
CA VAL B 487 -28.15 31.15 -24.82
C VAL B 487 -29.46 31.94 -24.78
N ALA B 488 -30.17 31.97 -25.91
CA ALA B 488 -31.44 32.69 -26.01
C ALA B 488 -32.43 32.25 -24.92
N SER B 489 -32.52 30.94 -24.73
CA SER B 489 -33.38 30.35 -23.68
C SER B 489 -32.98 30.80 -22.28
N CYS B 490 -31.67 30.80 -22.03
CA CYS B 490 -31.15 31.32 -20.77
C CYS B 490 -31.54 32.79 -20.54
N LEU B 491 -31.43 33.61 -21.59
CA LEU B 491 -31.77 35.02 -21.49
C LEU B 491 -33.25 35.25 -21.13
N ARG B 492 -34.14 34.47 -21.76
CA ARG B 492 -35.58 34.55 -21.43
C ARG B 492 -35.83 34.12 -20.00
N LYS B 493 -35.20 33.03 -19.58
CA LYS B 493 -35.30 32.51 -18.21
C LYS B 493 -34.91 33.55 -17.16
N LEU B 494 -33.77 34.21 -17.37
CA LEU B 494 -33.25 35.17 -16.40
C LEU B 494 -33.78 36.60 -16.58
N GLY B 495 -34.51 36.84 -17.67
CA GLY B 495 -35.00 38.17 -17.99
C GLY B 495 -33.88 39.11 -18.41
N VAL B 496 -32.92 38.55 -19.15
CA VAL B 496 -31.80 39.31 -19.71
C VAL B 496 -32.24 39.81 -21.09
N PRO B 497 -31.86 41.05 -21.46
CA PRO B 497 -32.22 41.53 -22.81
C PRO B 497 -31.70 40.61 -23.92
N PRO B 498 -32.44 40.52 -25.04
CA PRO B 498 -32.05 39.61 -26.12
C PRO B 498 -30.77 40.05 -26.84
N LEU B 499 -30.16 39.12 -27.55
CA LEU B 499 -28.87 39.37 -28.20
C LEU B 499 -28.85 40.58 -29.12
N ARG B 500 -29.98 40.87 -29.78
CA ARG B 500 -30.13 42.09 -30.61
C ARG B 500 -29.89 43.38 -29.82
N VAL B 501 -30.37 43.44 -28.57
CA VAL B 501 -30.12 44.60 -27.71
C VAL B 501 -28.62 44.73 -27.38
N TRP B 502 -27.96 43.60 -27.11
CA TRP B 502 -26.53 43.61 -26.79
C TRP B 502 -25.67 44.04 -27.97
N ARG B 503 -26.07 43.64 -29.18
CA ARG B 503 -25.39 44.11 -30.39
C ARG B 503 -25.42 45.63 -30.48
N HIS B 504 -26.60 46.20 -30.22
CA HIS B 504 -26.77 47.64 -30.24
C HIS B 504 -25.90 48.35 -29.18
N ARG B 505 -25.92 47.85 -27.96
CA ARG B 505 -25.08 48.41 -26.90
C ARG B 505 -23.59 48.31 -27.21
N ALA B 506 -23.20 47.19 -27.79
CA ALA B 506 -21.79 46.94 -28.13
C ALA B 506 -21.24 47.94 -29.14
N ARG B 507 -22.06 48.33 -30.12
CA ARG B 507 -21.71 49.39 -31.08
C ARG B 507 -21.32 50.69 -30.36
N SER B 508 -22.12 51.06 -29.36
CA SER B 508 -21.84 52.22 -28.51
C SER B 508 -20.56 52.07 -27.70
N VAL B 509 -20.43 50.93 -27.02
CA VAL B 509 -19.23 50.63 -26.23
C VAL B 509 -17.98 50.66 -27.10
N ARG B 510 -18.07 50.04 -28.27
CA ARG B 510 -16.96 50.02 -29.22
C ARG B 510 -16.53 51.44 -29.63
N ALA B 511 -17.51 52.25 -30.04
CA ALA B 511 -17.24 53.64 -30.46
C ALA B 511 -16.58 54.42 -29.32
N ARG B 512 -17.12 54.26 -28.11
CA ARG B 512 -16.55 54.90 -26.93
C ARG B 512 -15.09 54.49 -26.71
N LEU B 513 -14.79 53.21 -26.88
CA LEU B 513 -13.41 52.72 -26.70
C LEU B 513 -12.46 53.22 -27.77
N LEU B 514 -12.93 53.24 -29.01
CA LEU B 514 -12.15 53.80 -30.12
C LEU B 514 -11.85 55.29 -29.92
N SER B 515 -12.85 56.05 -29.46
CA SER B 515 -12.68 57.48 -29.09
C SER B 515 -11.54 57.73 -28.11
N GLN B 516 -11.32 56.78 -27.18
CA GLN B 516 -10.29 56.89 -26.15
C GLN B 516 -8.87 56.69 -26.69
N GLY B 517 -8.75 56.06 -27.86
CA GLY B 517 -7.43 55.75 -28.43
C GLY B 517 -6.67 54.70 -27.64
N GLY B 518 -5.40 54.50 -27.99
CA GLY B 518 -4.48 53.67 -27.23
C GLY B 518 -4.93 52.22 -27.01
N ARG B 519 -4.60 51.68 -25.83
CA ARG B 519 -5.01 50.32 -25.44
C ARG B 519 -6.53 50.15 -25.40
N ALA B 520 -7.24 51.23 -25.05
CA ALA B 520 -8.69 51.22 -25.07
C ALA B 520 -9.23 50.99 -26.48
N ALA B 521 -8.63 51.67 -27.46
CA ALA B 521 -9.02 51.55 -28.87
C ALA B 521 -8.80 50.13 -29.39
N THR B 522 -7.67 49.53 -28.99
CA THR B 522 -7.37 48.13 -29.32
C THR B 522 -8.42 47.15 -28.76
N CYS B 523 -8.90 47.39 -27.54
CA CYS B 523 -10.05 46.63 -27.01
C CYS B 523 -11.28 46.81 -27.89
N GLY B 524 -11.55 48.06 -28.28
CA GLY B 524 -12.66 48.36 -29.18
C GLY B 524 -12.57 47.60 -30.48
N LYS B 525 -11.37 47.64 -31.09
CA LYS B 525 -11.12 47.03 -32.39
C LYS B 525 -11.30 45.51 -32.38
N TYR B 526 -10.69 44.85 -31.39
CA TYR B 526 -10.60 43.38 -31.36
C TYR B 526 -11.78 42.74 -30.63
N LEU B 527 -12.09 43.22 -29.44
CA LEU B 527 -13.18 42.62 -28.65
C LEU B 527 -14.56 42.81 -29.26
N PHE B 528 -14.76 43.92 -29.99
CA PHE B 528 -16.08 44.25 -30.55
C PHE B 528 -16.16 44.32 -32.07
N ASN B 529 -15.23 43.67 -32.77
CA ASN B 529 -15.32 43.61 -34.24
C ASN B 529 -16.59 42.89 -34.72
N TRP B 530 -17.07 41.95 -33.92
CA TRP B 530 -18.35 41.26 -34.18
C TRP B 530 -19.55 42.20 -34.26
N ALA B 531 -19.48 43.33 -33.56
CA ALA B 531 -20.60 44.27 -33.47
C ALA B 531 -20.83 45.09 -34.73
N VAL B 532 -19.79 45.34 -35.52
CA VAL B 532 -19.93 46.21 -36.71
C VAL B 532 -20.27 45.43 -37.99
N LYS B 533 -20.92 46.13 -38.92
CA LYS B 533 -21.33 45.54 -40.21
C LYS B 533 -20.12 45.30 -41.09
N THR B 534 -19.34 46.35 -41.29
CA THR B 534 -18.12 46.29 -42.12
C THR B 534 -16.90 46.06 -41.22
N LYS B 535 -16.39 44.84 -41.26
CA LYS B 535 -15.38 44.37 -40.32
C LYS B 535 -13.99 44.94 -40.58
N LEU B 536 -13.32 45.41 -39.53
CA LEU B 536 -11.90 45.81 -39.62
C LEU B 536 -11.01 44.55 -39.64
N LYS B 537 -9.97 44.55 -40.48
CA LYS B 537 -9.05 43.41 -40.57
C LYS B 537 -8.18 43.33 -39.31
N LEU B 538 -8.20 42.18 -38.64
CA LEU B 538 -7.50 42.00 -37.38
C LEU B 538 -6.20 41.24 -37.61
N THR B 539 -5.12 41.82 -37.09
CA THR B 539 -3.78 41.29 -37.28
C THR B 539 -3.21 40.99 -35.90
N PRO B 540 -2.14 40.17 -35.82
CA PRO B 540 -1.58 39.83 -34.51
C PRO B 540 -1.25 41.08 -33.68
N ILE B 541 -1.47 40.98 -32.37
CA ILE B 541 -1.32 42.12 -31.46
C ILE B 541 0.12 42.16 -30.92
N PRO B 542 0.82 43.32 -31.06
CA PRO B 542 2.19 43.50 -30.53
C PRO B 542 2.43 42.88 -29.15
N TRP B 552 -0.82 31.42 -16.49
CA TRP B 552 0.04 30.24 -16.59
C TRP B 552 -0.79 28.96 -16.72
N PHE B 553 -0.38 28.07 -17.62
CA PHE B 553 -1.01 26.77 -17.82
C PHE B 553 0.04 25.67 -17.65
N VAL B 554 0.57 25.63 -16.45
CA VAL B 554 1.48 24.59 -16.01
C VAL B 554 0.70 23.63 -15.12
N ALA B 555 -0.05 24.17 -14.18
CA ALA B 555 -0.75 23.36 -13.18
C ALA B 555 -2.00 24.05 -12.63
N GLY B 556 -2.79 23.26 -11.90
CA GLY B 556 -3.99 23.74 -11.20
C GLY B 556 -3.70 23.92 -9.72
N TYR B 557 -4.29 24.96 -9.12
CA TYR B 557 -4.03 25.30 -7.72
C TYR B 557 -5.31 25.60 -6.95
N SER B 558 -6.44 25.01 -7.35
CA SER B 558 -7.72 25.25 -6.67
C SER B 558 -7.66 24.99 -5.16
N GLY B 559 -7.97 26.01 -4.37
CA GLY B 559 -7.91 25.94 -2.90
C GLY B 559 -6.49 26.11 -2.36
N GLY B 560 -5.53 26.36 -3.26
CA GLY B 560 -4.13 26.33 -2.94
C GLY B 560 -3.56 27.64 -2.41
N ASP B 561 -4.36 28.70 -2.40
CA ASP B 561 -3.93 29.99 -1.90
C ASP B 561 -2.72 30.49 -2.72
N ILE B 562 -2.86 30.47 -4.06
CA ILE B 562 -1.78 30.85 -4.99
C ILE B 562 -2.11 32.12 -5.78
N TYR B 563 -1.11 32.99 -5.92
CA TYR B 563 -1.26 34.28 -6.58
C TYR B 563 -0.18 34.54 -7.63
N HIS B 564 -0.56 35.21 -8.72
CA HIS B 564 0.39 35.73 -9.73
C HIS B 564 -0.04 37.10 -10.30
N SER B 565 0.95 37.91 -10.69
CA SER B 565 0.72 39.26 -11.28
C SER B 565 1.42 39.43 -12.62
C01 K4S C . 1.08 -22.57 14.82
N02 K4S C . 1.50 -23.92 15.17
C03 K4S C . 2.23 -24.15 16.37
O04 K4S C . 2.48 -23.24 17.11
C05 K4S C . 2.69 -25.52 16.80
C06 K4S C . 1.92 -26.60 17.26
O07 K4S C . 2.75 -27.63 17.56
C08 K4S C . 4.05 -27.23 17.28
C09 K4S C . 5.26 -27.95 17.40
C10 K4S C . 6.49 -27.33 17.06
N11 K4S C . 7.67 -28.13 17.18
C12 K4S C . 8.30 -28.58 15.97
C13 K4S C . 9.66 -28.64 15.82
C14 K4S C . 10.23 -29.07 14.57
C15 K4S C . 9.40 -29.42 13.48
C16 K4S C . 8.03 -29.35 13.63
C17 K4S C . 7.47 -28.94 14.86
B18 K4S C . 10.09 -29.89 12.09
O19 K4S C . 9.36 -30.78 11.28
O20 K4S C . 10.99 -28.97 11.47
S21 K4S C . 8.19 -28.45 18.68
C22 K4S C . 9.83 -27.95 19.01
O23 K4S C . 7.36 -27.86 19.71
O24 K4S C . 8.03 -29.87 18.98
C25 K4S C . 6.51 -26.00 16.58
C26 K4S C . 5.30 -25.30 16.43
C27 K4S C . 4.05 -25.93 16.81
C28 K4S C . 7.85 -25.38 16.19
C29 K4S C . 8.33 -24.67 14.98
C30 K4S C . 8.02 -23.88 16.20
C31 K4S C . 0.55 -26.74 17.53
C32 K4S C . -0.21 -25.63 17.94
C33 K4S C . -1.55 -25.77 18.31
C34 K4S C . -2.12 -27.01 18.29
F35 K4S C . -3.39 -27.16 18.65
C36 K4S C . -1.36 -28.12 17.92
C37 K4S C . -0.02 -27.99 17.56
C01 K4S D . -11.83 16.39 -17.60
N02 K4S D . -12.56 17.54 -18.16
C03 K4S D . -11.90 18.55 -18.93
O04 K4S D . -10.70 18.49 -19.14
C05 K4S D . -12.68 19.72 -19.48
C06 K4S D . -13.72 19.76 -20.41
O07 K4S D . -14.08 21.06 -20.62
C08 K4S D . -13.33 21.85 -19.79
C09 K4S D . -13.36 23.26 -19.61
C10 K4S D . -12.48 23.86 -18.69
N11 K4S D . -12.54 25.29 -18.53
C12 K4S D . -13.09 25.81 -17.32
C13 K4S D . -12.55 26.90 -16.70
C14 K4S D . -13.12 27.37 -15.48
C15 K4S D . -14.20 26.69 -14.88
C16 K4S D . -14.72 25.56 -15.48
C17 K4S D . -14.18 25.12 -16.72
B18 K4S D . -14.79 27.25 -13.49
O19 K4S D . -16.19 27.17 -13.30
O20 K4S D . -13.94 27.29 -12.34
S21 K4S D . -11.94 26.17 -19.74
C22 K4S D . -10.63 27.18 -19.26
O23 K4S D . -11.51 25.39 -20.88
O24 K4S D . -13.04 26.94 -20.31
C25 K4S D . -11.56 23.08 -17.95
C26 K4S D . -11.54 21.68 -18.13
C27 K4S D . -12.46 21.06 -19.07
C28 K4S D . -10.65 23.76 -16.95
C29 K4S D . -10.48 23.67 -15.48
C30 K4S D . -9.42 23.10 -16.36
C31 K4S D . -14.32 18.79 -21.24
C32 K4S D . -13.57 17.69 -21.67
C33 K4S D . -14.15 16.77 -22.55
C34 K4S D . -15.42 16.97 -23.03
F35 K4S D . -15.92 16.09 -23.88
C36 K4S D . -16.14 18.08 -22.62
C37 K4S D . -15.57 19.01 -21.74
#